data_6V43
#
_entry.id   6V43
#
_cell.length_a   61.560
_cell.length_b   125.380
_cell.length_c   127.310
_cell.angle_alpha   90.000
_cell.angle_beta   90.000
_cell.angle_gamma   90.000
#
_symmetry.space_group_name_H-M   'P 21 21 21'
#
loop_
_entity.id
_entity.type
_entity.pdbx_description
1 polymer 'FAD/FMN-containing dehydrogenase'
2 non-polymer pteridine-2,4(1H,3H)-dione
3 non-polymer 'FLAVIN-ADENINE DINUCLEOTIDE'
4 water water
#
_entity_poly.entity_id   1
_entity_poly.type   'polypeptide(L)'
_entity_poly.pdbx_seq_one_letter_code
;GH(MSE)NIEALTAELDGIRIEDNEKIVQQKSRDFYWYSPLLKRQLDHVTGDLVVSPKTEAELIRVLKACYRHEVPVTPR
GTGTGNYGQA(MSE)PLSGGVVLSLAD(MSE)NDIREIKPGWVICGPGVICSDLDKAARAHSGQELR(MSE)HPSTYHTA
TVGGFIAGGSGGIGSINWGGLRDFGNIIRLRVVT(MSE)EQEPQVLELTGEDLHKVTHAYGTNGIITEIE(MSE)PLAPA
YDWIDA(MSE)VGFDSFDTAAAYANALARQDGILTKLVSVVAAPCPFDYFKRHQKFLKEGQSVVLV(MSE)VAAQSHDAF
KAFSARSGGEIIFDATTAGDLKGLPPLFELSWNHTTLRALRVDPAWTYLQVLYPFPNQLELTAK(MSE)DR(MSE)FPGE
LISHLEFVRFDGDITCFGLPLVKFTTDERLEEI(MSE)DLHNANGCPIFNPHRYTLEEGG(MSE)KQTDEIQLAFKREAD
PKGLLNPGK(MSE)IAWDDPDYDFNSGKVWLFKGLKQAS
;
_entity_poly.pdbx_strand_id   A,B
#
loop_
_chem_comp.id
_chem_comp.type
_chem_comp.name
_chem_comp.formula
FAD non-polymer 'FLAVIN-ADENINE DINUCLEOTIDE' 'C27 H33 N9 O15 P2'
LUZ non-polymer pteridine-2,4(1H,3H)-dione 'C6 H4 N4 O2'
#
# COMPACT_ATOMS: atom_id res chain seq x y z
N GLY A 1 -35.03 -11.48 -33.73
CA GLY A 1 -35.54 -10.31 -33.05
C GLY A 1 -36.69 -9.64 -33.78
N HIS A 2 -37.73 -9.28 -33.04
CA HIS A 2 -38.91 -8.60 -33.59
C HIS A 2 -39.07 -7.26 -32.88
N MSE A 3 -38.20 -6.31 -33.22
CA MSE A 3 -38.22 -5.01 -32.57
C MSE A 3 -39.50 -4.22 -32.86
O MSE A 3 -39.90 -4.06 -34.01
CB MSE A 3 -37.01 -4.19 -33.01
CG MSE A 3 -36.69 -3.07 -32.08
SE MSE A 3 -35.23 -1.92 -32.72
CE MSE A 3 -34.04 -3.32 -33.37
N ASN A 4 -40.15 -3.76 -31.80
CA ASN A 4 -41.34 -2.92 -31.90
C ASN A 4 -41.09 -1.69 -31.04
N ILE A 5 -40.55 -0.64 -31.67
CA ILE A 5 -40.18 0.56 -30.92
C ILE A 5 -41.42 1.28 -30.44
N GLU A 6 -42.49 1.24 -31.23
CA GLU A 6 -43.70 1.97 -30.87
C GLU A 6 -44.35 1.38 -29.62
N ALA A 7 -44.46 0.06 -29.55
CA ALA A 7 -45.06 -0.58 -28.37
C ALA A 7 -44.18 -0.39 -27.14
N LEU A 8 -42.86 -0.43 -27.34
CA LEU A 8 -41.94 -0.15 -26.24
C LEU A 8 -42.20 1.23 -25.66
N THR A 9 -42.27 2.24 -26.53
CA THR A 9 -42.49 3.62 -26.09
C THR A 9 -43.78 3.73 -25.30
N ALA A 10 -44.86 3.13 -25.81
CA ALA A 10 -46.15 3.18 -25.13
C ALA A 10 -46.09 2.59 -23.73
N GLU A 11 -45.18 1.64 -23.49
CA GLU A 11 -45.12 1.01 -22.18
C GLU A 11 -44.31 1.81 -21.16
N LEU A 12 -43.71 2.94 -21.55
CA LEU A 12 -42.80 3.68 -20.68
C LEU A 12 -43.31 5.06 -20.32
N ASP A 13 -44.64 5.24 -20.23
CA ASP A 13 -45.16 6.53 -19.81
C ASP A 13 -44.65 6.89 -18.41
N GLY A 14 -44.18 8.12 -18.26
CA GLY A 14 -43.61 8.57 -17.01
C GLY A 14 -42.11 8.41 -16.90
N ILE A 15 -41.48 7.72 -17.84
CA ILE A 15 -40.03 7.53 -17.86
C ILE A 15 -39.45 8.40 -18.98
N ARG A 16 -38.32 9.05 -18.70
CA ARG A 16 -37.75 9.99 -19.63
C ARG A 16 -37.16 9.27 -20.84
N ILE A 17 -37.62 9.65 -22.03
CA ILE A 17 -37.18 9.10 -23.31
C ILE A 17 -36.82 10.26 -24.22
N GLU A 18 -35.79 10.07 -25.04
CA GLU A 18 -35.39 11.03 -26.05
C GLU A 18 -35.26 10.32 -27.38
N ASP A 19 -35.93 10.82 -28.42
CA ASP A 19 -35.80 10.23 -29.75
C ASP A 19 -35.32 11.20 -30.80
N ASN A 20 -34.98 12.44 -30.43
CA ASN A 20 -34.36 13.38 -31.36
C ASN A 20 -33.11 12.76 -31.96
N GLU A 21 -33.01 12.80 -33.29
CA GLU A 21 -31.96 12.05 -33.98
C GLU A 21 -30.56 12.53 -33.60
N LYS A 22 -30.36 13.85 -33.53
CA LYS A 22 -29.05 14.39 -33.22
C LYS A 22 -28.63 14.00 -31.81
N ILE A 23 -29.54 14.11 -30.84
CA ILE A 23 -29.21 13.76 -29.46
C ILE A 23 -28.98 12.25 -29.34
N VAL A 24 -29.82 11.44 -29.98
CA VAL A 24 -29.62 9.98 -29.93
C VAL A 24 -28.27 9.61 -30.53
N GLN A 25 -27.92 10.25 -31.65
CA GLN A 25 -26.62 10.00 -32.27
C GLN A 25 -25.47 10.36 -31.33
N GLN A 26 -25.55 11.53 -30.69
CA GLN A 26 -24.47 11.92 -29.78
C GLN A 26 -24.35 10.95 -28.61
N LYS A 27 -25.47 10.47 -28.08
CA LYS A 27 -25.46 9.55 -26.96
C LYS A 27 -25.29 8.10 -27.39
N SER A 28 -25.02 7.88 -28.67
CA SER A 28 -24.68 6.57 -29.20
C SER A 28 -23.20 6.44 -29.48
N ARG A 29 -22.39 7.42 -29.07
CA ARG A 29 -20.95 7.45 -29.35
C ARG A 29 -20.16 7.70 -28.07
N ASP A 30 -18.98 7.11 -28.01
CA ASP A 30 -18.07 7.40 -26.90
C ASP A 30 -16.78 7.97 -27.48
N PHE A 31 -15.63 7.65 -26.89
CA PHE A 31 -14.37 8.14 -27.46
C PHE A 31 -13.65 7.06 -28.25
N TYR A 32 -14.41 6.15 -28.87
CA TYR A 32 -13.88 5.20 -29.84
C TYR A 32 -12.97 5.85 -30.89
N TRP A 33 -13.22 7.11 -31.22
CA TRP A 33 -12.49 7.75 -32.31
C TRP A 33 -11.03 8.05 -31.97
N TYR A 34 -10.62 7.87 -30.70
CA TYR A 34 -9.19 7.84 -30.41
C TYR A 34 -8.47 6.77 -31.23
N SER A 35 -9.17 5.72 -31.67
CA SER A 35 -8.62 4.70 -32.56
C SER A 35 -9.06 4.96 -34.00
N PRO A 36 -8.12 5.22 -34.92
CA PRO A 36 -8.51 5.43 -36.33
C PRO A 36 -9.30 4.27 -36.89
N LEU A 37 -8.99 3.04 -36.46
CA LEU A 37 -9.73 1.87 -36.93
C LEU A 37 -11.18 1.90 -36.46
N LEU A 38 -11.40 2.08 -35.15
CA LEU A 38 -12.76 2.16 -34.64
C LEU A 38 -13.52 3.34 -35.24
N LYS A 39 -12.82 4.47 -35.44
CA LYS A 39 -13.49 5.64 -35.99
C LYS A 39 -14.13 5.30 -37.34
N ARG A 40 -13.42 4.53 -38.15
CA ARG A 40 -13.95 4.10 -39.44
C ARG A 40 -15.01 3.02 -39.30
N GLN A 41 -14.78 2.01 -38.44
CA GLN A 41 -15.69 0.87 -38.38
C GLN A 41 -17.03 1.22 -37.72
N LEU A 42 -17.03 2.15 -36.77
CA LEU A 42 -18.22 2.45 -35.98
C LEU A 42 -18.84 3.79 -36.35
N ASP A 43 -18.41 4.41 -37.45
CA ASP A 43 -18.90 5.74 -37.80
C ASP A 43 -20.40 5.77 -38.05
N HIS A 44 -21.01 4.65 -38.42
CA HIS A 44 -22.40 4.67 -38.83
C HIS A 44 -23.34 4.12 -37.76
N VAL A 45 -22.83 3.85 -36.57
CA VAL A 45 -23.61 3.33 -35.46
C VAL A 45 -24.45 4.44 -34.84
N THR A 46 -25.74 4.14 -34.58
CA THR A 46 -26.59 5.03 -33.80
C THR A 46 -27.75 4.20 -33.23
N GLY A 47 -28.23 4.62 -32.07
CA GLY A 47 -29.39 4.01 -31.47
C GLY A 47 -30.68 4.56 -32.05
N ASP A 48 -31.78 4.12 -31.47
CA ASP A 48 -33.10 4.59 -31.86
C ASP A 48 -33.73 5.52 -30.84
N LEU A 49 -33.39 5.37 -29.56
CA LEU A 49 -33.83 6.31 -28.54
C LEU A 49 -32.95 6.13 -27.32
N VAL A 50 -32.94 7.16 -26.47
CA VAL A 50 -32.24 7.15 -25.19
C VAL A 50 -33.28 7.14 -24.07
N VAL A 51 -33.14 6.19 -23.16
CA VAL A 51 -34.07 6.01 -22.05
C VAL A 51 -33.29 6.21 -20.75
N SER A 52 -33.82 7.04 -19.85
CA SER A 52 -33.07 7.51 -18.68
C SER A 52 -33.87 7.27 -17.40
N PRO A 53 -33.86 6.06 -16.85
CA PRO A 53 -34.58 5.80 -15.60
C PRO A 53 -33.99 6.54 -14.41
N LYS A 54 -34.86 6.97 -13.49
CA LYS A 54 -34.48 7.65 -12.26
C LYS A 54 -34.39 6.70 -11.06
N THR A 55 -35.02 5.53 -11.14
CA THR A 55 -35.07 4.58 -10.05
C THR A 55 -34.83 3.18 -10.58
N GLU A 56 -34.49 2.27 -9.68
CA GLU A 56 -34.40 0.87 -10.09
C GLU A 56 -35.76 0.36 -10.58
N ALA A 57 -36.85 0.82 -9.97
CA ALA A 57 -38.18 0.39 -10.43
C ALA A 57 -38.43 0.82 -11.88
N GLU A 58 -38.06 2.04 -12.24
CA GLU A 58 -38.20 2.47 -13.63
C GLU A 58 -37.31 1.64 -14.54
N LEU A 59 -36.07 1.35 -14.11
CA LEU A 59 -35.17 0.53 -14.91
C LEU A 59 -35.76 -0.84 -15.16
N ILE A 60 -36.39 -1.43 -14.13
CA ILE A 60 -37.04 -2.73 -14.30
C ILE A 60 -38.18 -2.63 -15.29
N ARG A 61 -38.94 -1.52 -15.24
CA ARG A 61 -39.98 -1.30 -16.24
C ARG A 61 -39.40 -1.28 -17.65
N VAL A 62 -38.26 -0.61 -17.83
CA VAL A 62 -37.65 -0.49 -19.15
C VAL A 62 -37.18 -1.86 -19.64
N LEU A 63 -36.47 -2.60 -18.80
CA LEU A 63 -35.95 -3.91 -19.20
C LEU A 63 -37.08 -4.88 -19.51
N LYS A 64 -38.14 -4.87 -18.69
CA LYS A 64 -39.28 -5.74 -18.95
C LYS A 64 -39.88 -5.44 -20.32
N ALA A 65 -40.11 -4.16 -20.62
CA ALA A 65 -40.68 -3.78 -21.90
C ALA A 65 -39.73 -4.12 -23.06
N CYS A 66 -38.42 -3.92 -22.87
CA CYS A 66 -37.48 -4.24 -23.95
C CYS A 66 -37.39 -5.73 -24.20
N TYR A 67 -37.47 -6.54 -23.15
CA TYR A 67 -37.50 -8.00 -23.35
C TYR A 67 -38.72 -8.42 -24.15
N ARG A 68 -39.87 -7.81 -23.84
CA ARG A 68 -41.12 -8.21 -24.46
C ARG A 68 -41.18 -7.79 -25.92
N HIS A 69 -40.73 -6.57 -26.22
CA HIS A 69 -40.80 -6.04 -27.57
C HIS A 69 -39.49 -6.19 -28.31
N GLU A 70 -38.55 -6.92 -27.71
CA GLU A 70 -37.32 -7.36 -28.36
C GLU A 70 -36.51 -6.18 -28.88
N VAL A 71 -36.33 -5.18 -28.02
CA VAL A 71 -35.52 -4.01 -28.34
C VAL A 71 -34.16 -4.16 -27.67
N PRO A 72 -33.07 -4.14 -28.42
CA PRO A 72 -31.74 -4.23 -27.80
C PRO A 72 -31.51 -3.08 -26.83
N VAL A 73 -30.71 -3.35 -25.81
CA VAL A 73 -30.40 -2.41 -24.73
C VAL A 73 -28.89 -2.31 -24.60
N THR A 74 -28.37 -1.09 -24.75
CA THR A 74 -26.94 -0.84 -24.53
C THR A 74 -26.79 0.16 -23.39
N PRO A 75 -26.21 -0.24 -22.26
CA PRO A 75 -26.04 0.69 -21.14
C PRO A 75 -25.04 1.78 -21.46
N ARG A 76 -25.24 2.95 -20.84
CA ARG A 76 -24.35 4.08 -21.00
C ARG A 76 -24.27 4.82 -19.68
N GLY A 77 -23.05 5.08 -19.21
CA GLY A 77 -22.84 6.03 -18.13
C GLY A 77 -22.81 7.43 -18.69
N THR A 78 -21.60 7.97 -18.89
CA THR A 78 -21.46 9.25 -19.59
C THR A 78 -20.68 9.11 -20.90
N GLY A 79 -20.53 7.89 -21.41
CA GLY A 79 -19.96 7.73 -22.75
C GLY A 79 -18.55 8.22 -22.93
N THR A 80 -17.66 7.94 -21.96
CA THR A 80 -16.26 8.32 -22.13
C THR A 80 -15.33 7.14 -22.38
N GLY A 81 -15.85 5.91 -22.51
CA GLY A 81 -14.98 4.79 -22.85
C GLY A 81 -14.30 4.98 -24.19
N ASN A 82 -13.18 4.26 -24.40
CA ASN A 82 -12.38 4.46 -25.60
C ASN A 82 -12.58 3.40 -26.68
N TYR A 83 -13.37 2.35 -26.43
CA TYR A 83 -13.39 1.21 -27.33
C TYR A 83 -14.74 1.01 -28.00
N GLY A 84 -15.68 1.93 -27.81
CA GLY A 84 -17.01 1.72 -28.36
C GLY A 84 -17.89 0.86 -27.48
N GLN A 85 -17.49 0.63 -26.23
CA GLN A 85 -18.23 -0.22 -25.30
C GLN A 85 -19.70 0.16 -25.23
N ALA A 86 -19.99 1.44 -25.03
CA ALA A 86 -21.36 1.88 -24.84
C ALA A 86 -22.09 2.13 -26.15
N MSE A 87 -21.53 1.75 -27.29
CA MSE A 87 -22.15 2.09 -28.56
C MSE A 87 -23.05 0.97 -29.06
O MSE A 87 -22.64 -0.17 -29.12
CB MSE A 87 -21.08 2.43 -29.61
CG MSE A 87 -20.28 3.66 -29.18
SE MSE A 87 -18.95 4.31 -30.44
CE MSE A 87 -20.04 4.38 -32.07
N PRO A 88 -24.28 1.34 -29.43
CA PRO A 88 -25.30 0.33 -29.75
C PRO A 88 -25.17 -0.23 -31.15
N LEU A 89 -24.50 -1.38 -31.28
CA LEU A 89 -24.24 -1.94 -32.60
C LEU A 89 -25.51 -2.37 -33.33
N SER A 90 -26.60 -2.66 -32.61
CA SER A 90 -27.81 -3.20 -33.23
C SER A 90 -28.97 -2.21 -33.20
N GLY A 91 -28.70 -0.93 -33.00
CA GLY A 91 -29.81 -0.01 -32.82
C GLY A 91 -30.42 -0.13 -31.43
N GLY A 92 -31.68 0.27 -31.34
CA GLY A 92 -32.43 0.06 -30.13
C GLY A 92 -32.22 1.10 -29.05
N VAL A 93 -32.30 0.66 -27.79
CA VAL A 93 -32.30 1.56 -26.64
C VAL A 93 -30.88 1.81 -26.19
N VAL A 94 -30.50 3.08 -26.10
CA VAL A 94 -29.36 3.49 -25.28
C VAL A 94 -29.92 3.72 -23.89
N LEU A 95 -29.53 2.87 -22.94
CA LEU A 95 -30.03 2.92 -21.57
C LEU A 95 -29.06 3.76 -20.75
N SER A 96 -29.41 5.03 -20.53
CA SER A 96 -28.57 5.92 -19.76
C SER A 96 -28.81 5.73 -18.27
N LEU A 97 -27.73 5.50 -17.51
CA LEU A 97 -27.81 5.40 -16.06
C LEU A 97 -27.46 6.70 -15.38
N ALA A 98 -27.40 7.79 -16.15
CA ALA A 98 -26.94 9.08 -15.64
C ALA A 98 -27.81 9.60 -14.50
N ASP A 99 -29.12 9.36 -14.53
CA ASP A 99 -30.01 9.80 -13.46
C ASP A 99 -30.17 8.77 -12.34
N MSE A 100 -29.46 7.66 -12.38
CA MSE A 100 -29.41 6.79 -11.21
C MSE A 100 -28.11 7.11 -10.50
O MSE A 100 -27.15 6.34 -10.54
CB MSE A 100 -29.51 5.30 -11.61
CG MSE A 100 -30.94 4.91 -11.99
SE MSE A 100 -31.09 3.02 -12.43
CE MSE A 100 -30.74 2.28 -10.66
N ASN A 101 -28.09 8.28 -9.87
CA ASN A 101 -26.87 8.85 -9.34
C ASN A 101 -27.04 9.22 -7.87
N ASP A 102 -27.77 8.41 -7.11
CA ASP A 102 -27.93 8.68 -5.69
C ASP A 102 -26.68 8.24 -4.92
N ILE A 103 -26.36 8.99 -3.88
CA ILE A 103 -25.36 8.55 -2.90
C ILE A 103 -26.13 8.19 -1.65
N ARG A 104 -26.04 6.93 -1.26
CA ARG A 104 -26.92 6.37 -0.24
C ARG A 104 -26.30 6.31 1.14
N GLU A 105 -25.06 5.81 1.24
CA GLU A 105 -24.39 5.68 2.53
C GLU A 105 -22.91 5.96 2.37
N ILE A 106 -22.36 6.65 3.37
CA ILE A 106 -20.92 6.84 3.51
C ILE A 106 -20.56 6.44 4.93
N LYS A 107 -19.70 5.45 5.09
CA LYS A 107 -19.22 4.96 6.37
C LYS A 107 -17.70 4.91 6.33
N PRO A 108 -17.06 4.71 7.49
CA PRO A 108 -15.60 4.61 7.50
C PRO A 108 -15.11 3.45 6.66
N GLY A 109 -14.51 3.75 5.50
CA GLY A 109 -13.98 2.71 4.65
C GLY A 109 -14.88 2.20 3.53
N TRP A 110 -16.13 2.67 3.40
CA TRP A 110 -16.94 2.20 2.26
C TRP A 110 -18.08 3.16 1.94
N VAL A 111 -18.58 3.02 0.71
CA VAL A 111 -19.64 3.88 0.18
C VAL A 111 -20.63 3.00 -0.59
N ILE A 112 -21.89 3.39 -0.57
CA ILE A 112 -22.94 2.76 -1.38
C ILE A 112 -23.56 3.85 -2.23
N CYS A 113 -23.59 3.65 -3.54
CA CYS A 113 -24.10 4.68 -4.44
C CYS A 113 -24.61 4.03 -5.72
N GLY A 114 -25.29 4.85 -6.54
CA GLY A 114 -25.78 4.41 -7.82
C GLY A 114 -24.72 4.47 -8.89
N PRO A 115 -25.02 3.84 -10.04
CA PRO A 115 -23.99 3.70 -11.09
C PRO A 115 -23.68 5.00 -11.79
N GLY A 116 -24.63 5.92 -11.85
CA GLY A 116 -24.39 7.15 -12.56
C GLY A 116 -23.63 8.22 -11.83
N VAL A 117 -23.24 7.99 -10.57
CA VAL A 117 -22.48 9.01 -9.87
C VAL A 117 -21.16 9.26 -10.60
N ILE A 118 -20.86 10.54 -10.86
CA ILE A 118 -19.59 10.90 -11.46
C ILE A 118 -18.49 10.78 -10.41
N CYS A 119 -17.32 10.27 -10.82
CA CYS A 119 -16.25 9.99 -9.84
C CYS A 119 -15.94 11.20 -8.96
N SER A 120 -15.79 12.38 -9.56
CA SER A 120 -15.42 13.54 -8.75
C SER A 120 -16.54 13.95 -7.80
N ASP A 121 -17.80 13.75 -8.21
CA ASP A 121 -18.94 14.05 -7.33
C ASP A 121 -18.96 13.12 -6.13
N LEU A 122 -18.65 11.85 -6.34
CA LEU A 122 -18.57 10.90 -5.24
C LEU A 122 -17.49 11.31 -4.24
N ASP A 123 -16.32 11.69 -4.74
CA ASP A 123 -15.24 12.17 -3.87
C ASP A 123 -15.63 13.46 -3.18
N LYS A 124 -16.28 14.39 -3.89
CA LYS A 124 -16.69 15.64 -3.25
C LYS A 124 -17.59 15.37 -2.05
N ALA A 125 -18.52 14.42 -2.21
CA ALA A 125 -19.41 14.06 -1.11
C ALA A 125 -18.67 13.31 -0.02
N ALA A 126 -17.80 12.36 -0.39
CA ALA A 126 -17.10 11.58 0.63
C ALA A 126 -16.12 12.46 1.40
N ARG A 127 -15.54 13.47 0.74
CA ARG A 127 -14.62 14.37 1.44
C ARG A 127 -15.35 15.25 2.43
N ALA A 128 -16.49 15.84 2.02
CA ALA A 128 -17.26 16.67 2.95
C ALA A 128 -17.80 15.86 4.12
N HIS A 129 -18.21 14.61 3.87
CA HIS A 129 -18.83 13.81 4.93
C HIS A 129 -17.81 13.39 5.99
N SER A 130 -16.69 12.82 5.57
CA SER A 130 -15.73 12.29 6.55
C SER A 130 -14.32 12.20 6.00
N GLY A 131 -13.93 13.12 5.13
CA GLY A 131 -12.56 13.13 4.63
C GLY A 131 -12.14 11.85 3.93
N GLN A 132 -13.00 11.29 3.09
CA GLN A 132 -12.66 10.07 2.37
C GLN A 132 -12.84 10.27 0.87
N GLU A 133 -12.34 9.30 0.10
CA GLU A 133 -12.39 9.40 -1.36
C GLU A 133 -12.16 8.02 -1.95
N LEU A 134 -12.42 7.92 -3.25
CA LEU A 134 -12.18 6.67 -3.95
C LEU A 134 -10.71 6.23 -3.87
N ARG A 135 -10.50 4.92 -3.83
CA ARG A 135 -9.13 4.40 -3.93
C ARG A 135 -8.50 4.73 -5.27
N MSE A 136 -9.28 4.60 -6.34
CA MSE A 136 -8.78 4.81 -7.67
C MSE A 136 -9.84 5.42 -8.59
O MSE A 136 -11.03 5.25 -8.37
CB MSE A 136 -8.28 3.50 -8.27
CG MSE A 136 -9.42 2.49 -8.43
SE MSE A 136 -8.74 0.79 -9.09
CE MSE A 136 -7.17 0.70 -8.14
N HIS A 137 -9.41 6.14 -9.61
CA HIS A 137 -10.36 6.70 -10.57
C HIS A 137 -9.65 6.87 -11.90
N PRO A 138 -10.39 6.86 -13.02
CA PRO A 138 -9.78 7.13 -14.32
C PRO A 138 -9.41 8.61 -14.43
N SER A 139 -8.52 8.92 -15.37
CA SER A 139 -8.18 10.33 -15.54
C SER A 139 -9.39 11.15 -15.99
N THR A 140 -10.46 10.50 -16.44
CA THR A 140 -11.74 11.16 -16.71
C THR A 140 -12.56 11.39 -15.44
N TYR A 141 -11.85 11.54 -14.32
CA TYR A 141 -12.38 11.88 -13.00
C TYR A 141 -13.65 12.72 -13.00
N HIS A 142 -13.63 13.87 -13.66
CA HIS A 142 -14.71 14.85 -13.58
C HIS A 142 -15.87 14.57 -14.53
N THR A 143 -15.78 13.53 -15.36
CA THR A 143 -16.83 13.25 -16.33
C THR A 143 -17.37 11.82 -16.26
N ALA A 144 -16.54 10.86 -15.84
CA ALA A 144 -16.88 9.44 -15.93
C ALA A 144 -17.70 8.95 -14.75
N THR A 145 -18.65 8.04 -15.01
CA THR A 145 -19.44 7.47 -13.91
C THR A 145 -18.71 6.30 -13.25
N VAL A 146 -19.03 6.08 -11.98
CA VAL A 146 -18.47 4.93 -11.26
C VAL A 146 -18.96 3.64 -11.90
N GLY A 147 -20.23 3.61 -12.33
CA GLY A 147 -20.76 2.40 -12.95
C GLY A 147 -20.07 2.04 -14.24
N GLY A 148 -19.83 3.03 -15.10
CA GLY A 148 -19.13 2.77 -16.34
C GLY A 148 -17.67 2.45 -16.13
N PHE A 149 -17.06 3.02 -15.09
CA PHE A 149 -15.71 2.64 -14.71
C PHE A 149 -15.64 1.15 -14.39
N ILE A 150 -16.58 0.65 -13.58
CA ILE A 150 -16.58 -0.76 -13.24
C ILE A 150 -16.83 -1.64 -14.47
N ALA A 151 -17.79 -1.24 -15.31
CA ALA A 151 -18.20 -2.09 -16.43
C ALA A 151 -17.33 -1.88 -17.67
N GLY A 152 -16.58 -0.79 -17.75
CA GLY A 152 -15.82 -0.54 -18.96
C GLY A 152 -14.40 -0.07 -18.77
N GLY A 153 -13.99 0.17 -17.51
CA GLY A 153 -12.68 0.67 -17.20
C GLY A 153 -11.82 -0.36 -16.46
N SER A 154 -10.62 0.06 -16.08
CA SER A 154 -9.69 -0.90 -15.50
C SER A 154 -8.92 -0.36 -14.30
N GLY A 155 -8.58 0.91 -14.26
CA GLY A 155 -7.84 1.44 -13.15
C GLY A 155 -7.48 2.87 -13.48
N GLY A 156 -6.47 3.39 -12.80
CA GLY A 156 -6.04 4.72 -13.15
C GLY A 156 -5.27 5.38 -12.02
N ILE A 157 -5.65 6.61 -11.70
CA ILE A 157 -5.07 7.29 -10.55
C ILE A 157 -5.36 6.45 -9.32
N GLY A 158 -4.34 6.19 -8.52
CA GLY A 158 -4.52 5.37 -7.35
C GLY A 158 -4.16 3.91 -7.54
N SER A 159 -4.02 3.45 -8.79
CA SER A 159 -3.57 2.10 -9.02
C SER A 159 -2.16 1.87 -8.47
N ILE A 160 -1.36 2.94 -8.37
CA ILE A 160 -0.04 2.83 -7.76
C ILE A 160 -0.15 2.28 -6.34
N ASN A 161 -1.28 2.51 -5.67
CA ASN A 161 -1.50 2.04 -4.32
C ASN A 161 -2.30 0.75 -4.23
N TRP A 162 -3.28 0.57 -5.10
CA TRP A 162 -4.33 -0.42 -4.87
C TRP A 162 -4.49 -1.44 -6.00
N GLY A 163 -3.70 -1.35 -7.07
CA GLY A 163 -3.89 -2.27 -8.18
C GLY A 163 -4.98 -1.78 -9.11
N GLY A 164 -5.91 -2.67 -9.46
CA GLY A 164 -6.88 -2.36 -10.48
C GLY A 164 -8.24 -2.92 -10.13
N LEU A 165 -9.21 -2.57 -10.98
CA LEU A 165 -10.53 -3.16 -10.81
C LEU A 165 -10.50 -4.68 -11.03
N ARG A 166 -9.40 -5.21 -11.58
CA ARG A 166 -9.22 -6.65 -11.69
C ARG A 166 -9.03 -7.37 -10.35
N ASP A 167 -8.78 -6.65 -9.25
CA ASP A 167 -8.29 -7.24 -8.00
C ASP A 167 -9.37 -7.32 -6.92
N PHE A 168 -9.42 -8.46 -6.23
CA PHE A 168 -10.26 -8.65 -5.05
C PHE A 168 -10.18 -7.43 -4.12
N GLY A 169 -11.34 -6.92 -3.70
CA GLY A 169 -11.40 -5.90 -2.67
C GLY A 169 -11.59 -4.48 -3.19
N ASN A 170 -11.28 -4.20 -4.45
CA ASN A 170 -11.45 -2.84 -4.94
C ASN A 170 -12.90 -2.53 -5.30
N ILE A 171 -13.75 -3.55 -5.28
CA ILE A 171 -15.21 -3.46 -5.33
C ILE A 171 -15.77 -4.42 -4.29
N ILE A 172 -16.75 -3.99 -3.52
CA ILE A 172 -17.29 -4.79 -2.43
C ILE A 172 -18.53 -5.59 -2.86
N ARG A 173 -19.46 -4.94 -3.55
CA ARG A 173 -20.73 -5.55 -3.90
C ARG A 173 -21.27 -4.86 -5.15
N LEU A 174 -21.88 -5.64 -6.03
CA LEU A 174 -22.57 -5.10 -7.19
C LEU A 174 -24.00 -5.62 -7.17
N ARG A 175 -24.96 -4.70 -7.16
CA ARG A 175 -26.35 -5.05 -7.37
C ARG A 175 -26.63 -4.94 -8.86
N VAL A 176 -27.09 -6.04 -9.45
CA VAL A 176 -27.25 -6.15 -10.90
C VAL A 176 -28.66 -6.63 -11.22
N VAL A 177 -29.28 -6.04 -12.24
CA VAL A 177 -30.59 -6.42 -12.72
C VAL A 177 -30.42 -7.09 -14.07
N THR A 178 -31.03 -8.26 -14.23
CA THR A 178 -30.87 -9.06 -15.44
C THR A 178 -31.88 -8.65 -16.50
N MSE A 179 -31.63 -9.10 -17.72
CA MSE A 179 -32.57 -8.97 -18.82
C MSE A 179 -33.35 -10.27 -19.01
O MSE A 179 -33.09 -11.07 -19.91
CB MSE A 179 -31.86 -8.59 -20.12
CG MSE A 179 -32.80 -8.61 -21.31
SE MSE A 179 -33.76 -6.95 -21.39
CE MSE A 179 -32.16 -6.10 -22.16
N GLU A 180 -34.31 -10.49 -18.13
CA GLU A 180 -35.19 -11.64 -18.18
C GLU A 180 -36.63 -11.15 -18.25
N GLN A 181 -37.53 -12.05 -18.65
CA GLN A 181 -38.93 -11.67 -18.79
C GLN A 181 -39.44 -10.98 -17.53
N GLU A 182 -39.06 -11.49 -16.37
CA GLU A 182 -39.17 -10.76 -15.11
C GLU A 182 -37.74 -10.44 -14.68
N PRO A 183 -37.26 -9.21 -14.89
CA PRO A 183 -35.88 -8.89 -14.50
C PRO A 183 -35.61 -9.24 -13.06
N GLN A 184 -34.48 -9.90 -12.83
CA GLN A 184 -34.10 -10.37 -11.51
C GLN A 184 -33.05 -9.46 -10.91
N VAL A 185 -33.12 -9.29 -9.60
CA VAL A 185 -32.15 -8.51 -8.86
C VAL A 185 -31.14 -9.47 -8.26
N LEU A 186 -29.87 -9.29 -8.60
CA LEU A 186 -28.78 -10.08 -8.04
C LEU A 186 -27.93 -9.20 -7.12
N GLU A 187 -27.62 -9.71 -5.94
CA GLU A 187 -26.68 -9.05 -5.02
C GLU A 187 -25.38 -9.85 -5.08
N LEU A 188 -24.42 -9.36 -5.87
CA LEU A 188 -23.19 -10.08 -6.14
C LEU A 188 -22.10 -9.61 -5.18
N THR A 189 -21.58 -10.53 -4.39
CA THR A 189 -20.47 -10.29 -3.47
C THR A 189 -19.41 -11.35 -3.72
N GLY A 190 -18.36 -11.34 -2.92
CA GLY A 190 -17.32 -12.34 -3.05
C GLY A 190 -16.72 -12.33 -4.45
N GLU A 191 -16.59 -13.51 -5.04
CA GLU A 191 -16.03 -13.58 -6.38
C GLU A 191 -17.07 -13.31 -7.46
N ASP A 192 -18.37 -13.46 -7.14
CA ASP A 192 -19.40 -13.40 -8.16
C ASP A 192 -19.49 -12.04 -8.83
N LEU A 193 -19.17 -10.96 -8.10
CA LEU A 193 -19.22 -9.64 -8.71
C LEU A 193 -18.19 -9.51 -9.81
N HIS A 194 -17.15 -10.33 -9.80
CA HIS A 194 -16.12 -10.19 -10.81
C HIS A 194 -16.53 -10.76 -12.16
N LYS A 195 -17.73 -11.31 -12.26
CA LYS A 195 -18.26 -11.64 -13.59
C LYS A 195 -18.69 -10.40 -14.35
N VAL A 196 -19.00 -9.31 -13.64
CA VAL A 196 -19.57 -8.10 -14.21
C VAL A 196 -18.50 -7.06 -14.53
N THR A 197 -17.40 -7.08 -13.78
CA THR A 197 -16.35 -6.10 -13.98
C THR A 197 -15.81 -6.19 -15.40
N HIS A 198 -15.70 -5.05 -16.06
CA HIS A 198 -15.19 -4.95 -17.43
C HIS A 198 -15.93 -5.89 -18.40
N ALA A 199 -17.24 -6.08 -18.20
CA ALA A 199 -18.04 -6.91 -19.08
C ALA A 199 -18.87 -6.10 -20.07
N TYR A 200 -18.65 -4.79 -20.14
CA TYR A 200 -19.32 -3.89 -21.09
C TYR A 200 -20.83 -3.90 -20.93
N GLY A 201 -21.33 -4.23 -19.75
CA GLY A 201 -22.77 -4.31 -19.55
C GLY A 201 -23.45 -5.47 -20.23
N THR A 202 -22.69 -6.47 -20.67
CA THR A 202 -23.31 -7.58 -21.41
C THR A 202 -23.99 -8.61 -20.52
N ASN A 203 -23.85 -8.54 -19.20
CA ASN A 203 -24.48 -9.58 -18.37
C ASN A 203 -25.27 -8.99 -17.21
N GLY A 204 -25.84 -7.81 -17.40
CA GLY A 204 -26.71 -7.19 -16.41
C GLY A 204 -26.42 -5.72 -16.23
N ILE A 205 -27.42 -5.00 -15.71
CA ILE A 205 -27.31 -3.57 -15.45
C ILE A 205 -26.91 -3.39 -13.98
N ILE A 206 -25.79 -2.74 -13.74
CA ILE A 206 -25.42 -2.37 -12.39
C ILE A 206 -26.36 -1.27 -11.89
N THR A 207 -27.08 -1.53 -10.80
CA THR A 207 -27.96 -0.52 -10.24
C THR A 207 -27.53 0.00 -8.88
N GLU A 208 -26.60 -0.66 -8.20
CA GLU A 208 -26.05 -0.14 -6.95
C GLU A 208 -24.66 -0.71 -6.77
N ILE A 209 -23.77 0.10 -6.22
CA ILE A 209 -22.37 -0.25 -6.04
C ILE A 209 -21.99 -0.04 -4.58
N GLU A 210 -21.28 -0.99 -4.01
CA GLU A 210 -20.61 -0.79 -2.73
C GLU A 210 -19.13 -0.89 -2.99
N MSE A 211 -18.40 0.19 -2.75
CA MSE A 211 -16.96 0.19 -3.01
C MSE A 211 -16.22 0.67 -1.74
O MSE A 211 -16.79 1.38 -0.89
CB MSE A 211 -16.60 1.06 -4.23
CG MSE A 211 -16.59 0.36 -5.75
SE MSE A 211 -16.35 1.96 -6.70
CE MSE A 211 -14.57 1.50 -7.38
N PRO A 212 -14.96 0.29 -1.60
CA PRO A 212 -14.19 0.78 -0.46
C PRO A 212 -13.87 2.25 -0.63
N LEU A 213 -13.61 2.92 0.50
CA LEU A 213 -13.12 4.28 0.48
C LEU A 213 -11.73 4.33 1.12
N ALA A 214 -10.97 5.34 0.70
CA ALA A 214 -9.62 5.59 1.16
C ALA A 214 -9.53 6.98 1.77
N PRO A 215 -8.46 7.28 2.52
CA PRO A 215 -8.37 8.59 3.17
C PRO A 215 -8.11 9.70 2.15
N ALA A 216 -8.80 10.82 2.34
CA ALA A 216 -8.59 11.99 1.50
C ALA A 216 -7.44 12.80 2.07
N TYR A 217 -6.35 12.89 1.34
CA TYR A 217 -5.23 13.71 1.80
C TYR A 217 -5.05 14.90 0.87
N ASP A 218 -4.18 15.80 1.31
CA ASP A 218 -3.73 16.94 0.52
C ASP A 218 -2.72 16.39 -0.49
N TRP A 219 -3.19 16.09 -1.71
CA TRP A 219 -2.32 15.48 -2.71
C TRP A 219 -1.54 16.57 -3.44
N ILE A 220 -0.20 16.47 -3.43
CA ILE A 220 0.67 17.50 -3.97
C ILE A 220 1.11 17.09 -5.38
N ASP A 221 0.82 17.94 -6.37
CA ASP A 221 1.32 17.75 -7.74
C ASP A 221 2.79 18.11 -7.82
N ALA A 222 3.59 17.23 -8.43
CA ALA A 222 4.97 17.57 -8.71
C ALA A 222 5.43 16.89 -9.99
N MSE A 223 6.28 17.58 -10.75
CA MSE A 223 6.88 17.03 -11.94
C MSE A 223 8.38 16.93 -11.75
O MSE A 223 9.00 17.82 -11.19
CB MSE A 223 6.58 17.89 -13.17
CG MSE A 223 5.17 17.74 -13.70
SE MSE A 223 5.09 18.46 -15.55
CE MSE A 223 5.38 20.16 -15.12
N VAL A 224 8.96 15.83 -12.23
CA VAL A 224 10.39 15.59 -12.10
C VAL A 224 10.95 15.42 -13.51
N GLY A 225 11.99 16.17 -13.83
CA GLY A 225 12.47 16.27 -15.20
C GLY A 225 13.75 15.48 -15.44
N PHE A 226 13.85 14.89 -16.64
CA PHE A 226 14.98 14.06 -17.02
C PHE A 226 15.39 14.33 -18.46
N ASP A 227 16.66 14.04 -18.74
CA ASP A 227 17.22 14.22 -20.07
C ASP A 227 17.09 12.99 -20.95
N SER A 228 16.61 11.86 -20.41
CA SER A 228 16.32 10.70 -21.23
C SER A 228 15.10 10.01 -20.68
N PHE A 229 14.43 9.22 -21.53
CA PHE A 229 13.31 8.42 -21.07
C PHE A 229 13.76 7.34 -20.09
N ASP A 230 14.90 6.69 -20.37
CA ASP A 230 15.34 5.57 -19.52
C ASP A 230 15.63 6.04 -18.09
N THR A 231 16.23 7.22 -17.93
CA THR A 231 16.50 7.69 -16.56
C THR A 231 15.20 8.14 -15.88
N ALA A 232 14.23 8.66 -16.64
CA ALA A 232 12.94 8.96 -16.02
C ALA A 232 12.25 7.70 -15.52
N ALA A 233 12.28 6.63 -16.33
CA ALA A 233 11.60 5.40 -15.93
C ALA A 233 12.28 4.77 -14.71
N ALA A 234 13.61 4.82 -14.66
CA ALA A 234 14.32 4.25 -13.52
C ALA A 234 13.99 5.01 -12.24
N TYR A 235 13.92 6.34 -12.33
CA TYR A 235 13.53 7.14 -11.16
C TYR A 235 12.10 6.80 -10.73
N ALA A 236 11.18 6.73 -11.69
CA ALA A 236 9.78 6.49 -11.37
C ALA A 236 9.61 5.13 -10.70
N ASN A 237 10.32 4.12 -11.21
CA ASN A 237 10.27 2.79 -10.62
C ASN A 237 10.79 2.82 -9.19
N ALA A 238 11.92 3.50 -8.97
CA ALA A 238 12.47 3.64 -7.62
C ALA A 238 11.51 4.36 -6.69
N LEU A 239 10.87 5.44 -7.17
CA LEU A 239 9.93 6.18 -6.30
C LEU A 239 8.72 5.31 -5.97
N ALA A 240 8.21 4.57 -6.95
CA ALA A 240 7.08 3.69 -6.72
C ALA A 240 7.38 2.62 -5.69
N ARG A 241 8.65 2.27 -5.51
CA ARG A 241 9.04 1.24 -4.56
C ARG A 241 9.35 1.79 -3.17
N GLN A 242 9.14 3.09 -2.93
CA GLN A 242 9.33 3.67 -1.59
C GLN A 242 8.06 3.47 -0.78
N ASP A 243 8.05 2.45 0.06
CA ASP A 243 6.83 2.00 0.73
C ASP A 243 6.29 3.01 1.75
N GLY A 244 7.11 3.91 2.26
CA GLY A 244 6.65 4.92 3.19
C GLY A 244 6.35 6.27 2.56
N ILE A 245 6.58 6.43 1.27
CA ILE A 245 6.26 7.67 0.57
C ILE A 245 4.93 7.45 -0.14
N LEU A 246 3.84 7.99 0.42
CA LEU A 246 2.51 7.74 -0.12
C LEU A 246 2.28 8.59 -1.36
N THR A 247 2.04 7.94 -2.51
CA THR A 247 1.71 8.63 -3.74
C THR A 247 0.34 8.16 -4.25
N LYS A 248 -0.26 8.97 -5.13
CA LYS A 248 -1.48 8.57 -5.84
C LYS A 248 -1.27 8.40 -7.34
N LEU A 249 -0.12 8.81 -7.86
CA LEU A 249 0.15 8.79 -9.30
C LEU A 249 1.65 8.80 -9.49
N VAL A 250 2.15 7.91 -10.34
CA VAL A 250 3.55 7.94 -10.75
C VAL A 250 3.57 7.59 -12.23
N SER A 251 3.72 8.60 -13.09
CA SER A 251 3.61 8.48 -14.54
C SER A 251 4.93 8.85 -15.16
N VAL A 252 5.23 8.27 -16.33
CA VAL A 252 6.40 8.64 -17.10
C VAL A 252 5.94 9.01 -18.49
N VAL A 253 6.29 10.20 -18.94
CA VAL A 253 5.94 10.65 -20.28
C VAL A 253 7.22 11.08 -20.97
N ALA A 254 7.58 10.37 -22.04
CA ALA A 254 8.83 10.62 -22.75
C ALA A 254 8.74 11.88 -23.60
N ALA A 255 9.84 12.62 -23.64
CA ALA A 255 10.05 13.61 -24.68
C ALA A 255 9.81 12.98 -26.06
N PRO A 256 9.22 13.69 -27.01
CA PRO A 256 8.88 15.13 -26.93
C PRO A 256 7.47 15.43 -26.48
N CYS A 257 6.75 14.47 -25.89
CA CYS A 257 5.36 14.71 -25.55
C CYS A 257 5.16 15.85 -24.55
N PRO A 258 5.90 15.94 -23.41
CA PRO A 258 5.66 17.05 -22.49
C PRO A 258 5.83 18.42 -23.14
N PHE A 259 7.00 18.66 -23.74
CA PHE A 259 7.24 19.99 -24.31
C PHE A 259 6.27 20.31 -25.45
N ASP A 260 5.95 19.32 -26.28
CA ASP A 260 5.08 19.59 -27.43
C ASP A 260 3.62 19.75 -27.04
N TYR A 261 3.13 18.97 -26.07
CA TYR A 261 1.69 18.84 -25.88
C TYR A 261 1.18 19.22 -24.48
N PHE A 262 2.05 19.39 -23.49
CA PHE A 262 1.61 19.87 -22.17
C PHE A 262 1.75 21.38 -22.20
N LYS A 263 0.77 22.04 -22.83
CA LYS A 263 0.95 23.45 -23.20
C LYS A 263 0.85 24.39 -22.00
N ARG A 264 -0.07 24.12 -21.07
CA ARG A 264 -0.25 25.03 -19.95
C ARG A 264 0.92 24.97 -18.96
N HIS A 265 1.63 23.84 -18.91
CA HIS A 265 2.80 23.69 -18.05
C HIS A 265 4.10 24.03 -18.75
N GLN A 266 4.04 24.65 -19.93
CA GLN A 266 5.26 24.79 -20.75
C GLN A 266 6.37 25.56 -20.05
N LYS A 267 6.03 26.57 -19.24
CA LYS A 267 7.07 27.37 -18.62
C LYS A 267 7.94 26.55 -17.66
N PHE A 268 7.45 25.41 -17.19
CA PHE A 268 8.22 24.53 -16.32
C PHE A 268 9.00 23.47 -17.07
N LEU A 269 8.86 23.41 -18.40
CA LEU A 269 9.41 22.33 -19.19
C LEU A 269 10.48 22.87 -20.12
N LYS A 270 11.29 21.97 -20.68
CA LYS A 270 12.20 22.39 -21.73
C LYS A 270 12.27 21.34 -22.83
N GLU A 271 12.69 21.78 -24.01
CA GLU A 271 12.83 20.87 -25.13
C GLU A 271 13.78 19.73 -24.76
N GLY A 272 13.38 18.51 -25.13
CA GLY A 272 14.17 17.31 -24.90
C GLY A 272 13.92 16.62 -23.57
N GLN A 273 13.06 17.17 -22.72
CA GLN A 273 12.89 16.68 -21.36
C GLN A 273 11.75 15.65 -21.26
N SER A 274 12.04 14.49 -20.69
CA SER A 274 11.00 13.57 -20.27
C SER A 274 10.56 13.94 -18.84
N VAL A 275 9.34 13.56 -18.47
CA VAL A 275 8.86 13.97 -17.15
C VAL A 275 8.26 12.78 -16.41
N VAL A 276 8.41 12.81 -15.10
CA VAL A 276 7.66 11.94 -14.21
C VAL A 276 6.60 12.79 -13.53
N LEU A 277 5.35 12.35 -13.62
CA LEU A 277 4.24 13.04 -12.96
C LEU A 277 3.99 12.36 -11.63
N VAL A 278 3.89 13.14 -10.56
CA VAL A 278 3.78 12.59 -9.21
C VAL A 278 2.62 13.29 -8.50
N MSE A 279 1.79 12.52 -7.83
CA MSE A 279 0.92 13.08 -6.81
C MSE A 279 1.39 12.49 -5.49
O MSE A 279 1.34 11.28 -5.33
CB MSE A 279 -0.55 12.73 -7.04
CG MSE A 279 -1.14 13.35 -8.27
SE MSE A 279 -2.94 12.65 -8.64
CE MSE A 279 -3.93 13.46 -7.14
N VAL A 280 1.86 13.33 -4.57
CA VAL A 280 2.40 12.85 -3.30
C VAL A 280 1.60 13.45 -2.15
N ALA A 281 1.23 12.61 -1.19
CA ALA A 281 0.52 13.10 0.00
C ALA A 281 1.37 14.13 0.75
N ALA A 282 0.70 15.13 1.31
CA ALA A 282 1.43 16.19 2.00
C ALA A 282 2.29 15.63 3.13
N GLN A 283 1.81 14.59 3.84
CA GLN A 283 2.62 14.03 4.93
C GLN A 283 3.83 13.27 4.42
N SER A 284 3.95 13.02 3.12
CA SER A 284 5.11 12.38 2.53
C SER A 284 5.93 13.30 1.64
N HIS A 285 5.56 14.58 1.52
CA HIS A 285 6.19 15.42 0.50
C HIS A 285 7.64 15.77 0.84
N ASP A 286 7.93 16.01 2.12
CA ASP A 286 9.31 16.29 2.50
C ASP A 286 10.19 15.06 2.27
N ALA A 287 9.68 13.87 2.58
CA ALA A 287 10.41 12.64 2.27
C ALA A 287 10.60 12.48 0.77
N PHE A 288 9.59 12.85 -0.02
CA PHE A 288 9.71 12.79 -1.47
C PHE A 288 10.82 13.70 -1.97
N LYS A 289 10.95 14.90 -1.40
CA LYS A 289 12.03 15.78 -1.81
C LYS A 289 13.39 15.20 -1.42
N ALA A 290 13.51 14.64 -0.22
CA ALA A 290 14.79 14.08 0.20
C ALA A 290 15.17 12.86 -0.64
N PHE A 291 14.18 12.02 -0.96
CA PHE A 291 14.43 10.88 -1.83
C PHE A 291 14.85 11.35 -3.23
N SER A 292 14.16 12.37 -3.77
CA SER A 292 14.46 12.84 -5.11
C SER A 292 15.85 13.45 -5.18
N ALA A 293 16.26 14.17 -4.15
CA ALA A 293 17.61 14.73 -4.16
C ALA A 293 18.68 13.64 -4.12
N ARG A 294 18.37 12.48 -3.54
CA ARG A 294 19.32 11.38 -3.46
C ARG A 294 19.28 10.49 -4.70
N SER A 295 18.33 10.70 -5.59
CA SER A 295 18.04 9.77 -6.67
C SER A 295 18.19 10.38 -8.05
N GLY A 296 18.82 11.55 -8.16
CA GLY A 296 18.96 12.18 -9.47
C GLY A 296 17.68 12.75 -10.04
N GLY A 297 16.76 13.20 -9.19
CA GLY A 297 15.49 13.69 -9.70
C GLY A 297 15.26 15.18 -9.53
N GLU A 298 15.49 15.96 -10.59
CA GLU A 298 15.27 17.40 -10.54
C GLU A 298 13.76 17.74 -10.57
N ILE A 299 13.28 18.37 -9.51
CA ILE A 299 11.87 18.74 -9.40
C ILE A 299 11.66 20.05 -10.16
N ILE A 300 10.92 19.99 -11.27
CA ILE A 300 10.73 21.16 -12.13
C ILE A 300 9.39 21.83 -11.90
N PHE A 301 8.48 21.20 -11.16
CA PHE A 301 7.21 21.82 -10.81
C PHE A 301 6.75 21.21 -9.51
N ASP A 302 6.30 22.05 -8.59
CA ASP A 302 5.90 21.58 -7.27
C ASP A 302 4.76 22.48 -6.81
N ALA A 303 3.57 21.90 -6.65
CA ALA A 303 2.41 22.71 -6.26
C ALA A 303 2.64 23.47 -4.96
N THR A 304 3.55 23.02 -4.10
CA THR A 304 3.75 23.76 -2.86
C THR A 304 4.55 25.03 -3.05
N THR A 305 5.26 25.19 -4.16
CA THR A 305 6.06 26.40 -4.38
C THR A 305 5.58 27.23 -5.56
N ALA A 306 4.69 26.70 -6.40
CA ALA A 306 4.27 27.42 -7.60
C ALA A 306 3.27 28.53 -7.34
N GLY A 307 2.59 28.52 -6.19
CA GLY A 307 1.57 29.52 -5.91
C GLY A 307 0.20 29.08 -6.40
N ASP A 308 -0.81 29.92 -6.11
CA ASP A 308 -2.19 29.62 -6.46
C ASP A 308 -2.43 30.00 -7.91
N LEU A 309 -2.08 29.09 -8.81
CA LEU A 309 -2.15 29.34 -10.25
C LEU A 309 -3.48 28.84 -10.80
N LYS A 310 -4.25 29.73 -11.43
CA LYS A 310 -5.44 29.34 -12.17
C LYS A 310 -5.08 28.95 -13.60
N GLY A 311 -5.93 28.13 -14.21
CA GLY A 311 -5.75 27.70 -15.58
C GLY A 311 -4.75 26.59 -15.79
N LEU A 312 -4.18 26.04 -14.70
CA LEU A 312 -3.30 24.89 -14.80
C LEU A 312 -4.08 23.62 -14.55
N PRO A 313 -4.10 22.67 -15.48
CA PRO A 313 -4.79 21.41 -15.20
C PRO A 313 -4.07 20.65 -14.10
N PRO A 314 -4.80 19.87 -13.30
CA PRO A 314 -4.12 18.96 -12.37
C PRO A 314 -3.26 17.98 -13.15
N LEU A 315 -2.18 17.52 -12.53
CA LEU A 315 -1.26 16.65 -13.27
C LEU A 315 -1.91 15.36 -13.73
N PHE A 316 -2.97 14.90 -13.05
CA PHE A 316 -3.58 13.65 -13.52
C PHE A 316 -4.29 13.83 -14.84
N GLU A 317 -4.68 15.07 -15.20
CA GLU A 317 -5.23 15.32 -16.52
C GLU A 317 -4.14 15.49 -17.59
N LEU A 318 -2.89 15.12 -17.26
CA LEU A 318 -1.83 14.92 -18.22
C LEU A 318 -1.40 13.46 -18.28
N SER A 319 -2.10 12.57 -17.57
CA SER A 319 -1.70 11.20 -17.34
C SER A 319 -2.74 10.25 -17.92
N TRP A 320 -2.43 8.95 -17.90
CA TRP A 320 -3.35 7.93 -18.42
C TRP A 320 -3.83 8.34 -19.81
N ASN A 321 -5.09 8.13 -20.17
CA ASN A 321 -5.40 8.48 -21.56
C ASN A 321 -5.63 9.96 -21.75
N HIS A 322 -5.50 10.77 -20.69
CA HIS A 322 -5.43 12.21 -20.89
C HIS A 322 -4.14 12.61 -21.58
N THR A 323 -3.06 11.84 -21.40
CA THR A 323 -1.86 12.06 -22.20
C THR A 323 -2.20 11.94 -23.68
N THR A 324 -2.97 10.90 -24.02
CA THR A 324 -3.43 10.71 -25.38
C THR A 324 -4.31 11.87 -25.85
N LEU A 325 -5.25 12.30 -25.01
CA LEU A 325 -6.09 13.44 -25.33
C LEU A 325 -5.26 14.66 -25.75
N ARG A 326 -4.23 14.97 -24.96
CA ARG A 326 -3.40 16.15 -25.22
C ARG A 326 -2.67 16.02 -26.53
N ALA A 327 -2.16 14.83 -26.84
CA ALA A 327 -1.39 14.66 -28.06
C ALA A 327 -2.28 14.83 -29.27
N LEU A 328 -3.43 14.14 -29.29
CA LEU A 328 -4.24 14.18 -30.48
C LEU A 328 -4.98 15.51 -30.63
N ARG A 329 -5.11 16.30 -29.55
CA ARG A 329 -5.69 17.64 -29.69
C ARG A 329 -4.84 18.51 -30.59
N VAL A 330 -3.53 18.37 -30.51
CA VAL A 330 -2.60 19.14 -31.33
C VAL A 330 -2.35 18.47 -32.68
N ASP A 331 -2.13 17.16 -32.70
CA ASP A 331 -1.90 16.42 -33.93
C ASP A 331 -2.81 15.21 -33.95
N PRO A 332 -3.91 15.27 -34.71
CA PRO A 332 -4.91 14.17 -34.68
C PRO A 332 -4.38 12.84 -35.18
N ALA A 333 -3.19 12.78 -35.76
CA ALA A 333 -2.66 11.52 -36.25
C ALA A 333 -2.18 10.62 -35.12
N TRP A 334 -2.00 11.13 -33.90
CA TRP A 334 -1.61 10.26 -32.79
C TRP A 334 -2.74 9.32 -32.38
N THR A 335 -2.39 8.06 -32.14
CA THR A 335 -3.27 7.13 -31.46
C THR A 335 -2.41 6.48 -30.38
N TYR A 336 -2.82 5.33 -29.85
CA TYR A 336 -2.16 4.77 -28.67
C TYR A 336 -2.26 3.25 -28.67
N LEU A 337 -1.42 2.63 -27.82
CA LEU A 337 -1.47 1.21 -27.47
C LEU A 337 -1.72 1.05 -25.99
N GLN A 338 -2.10 -0.15 -25.59
CA GLN A 338 -2.16 -0.53 -24.17
C GLN A 338 -1.27 -1.76 -23.98
N VAL A 339 -0.34 -1.66 -23.01
CA VAL A 339 0.79 -2.58 -22.88
C VAL A 339 0.99 -2.94 -21.42
N LEU A 340 1.36 -4.19 -21.16
CA LEU A 340 1.93 -4.56 -19.87
C LEU A 340 3.41 -4.87 -20.04
N TYR A 341 4.23 -4.42 -19.09
CA TYR A 341 5.65 -4.78 -19.10
C TYR A 341 5.92 -5.63 -17.88
N PRO A 342 5.93 -6.95 -18.01
CA PRO A 342 5.84 -7.80 -16.81
C PRO A 342 7.04 -7.69 -15.89
N PHE A 343 6.73 -7.60 -14.61
CA PHE A 343 7.72 -7.72 -13.56
C PHE A 343 8.51 -9.02 -13.71
N PRO A 344 9.83 -9.02 -13.46
CA PRO A 344 10.63 -7.90 -12.99
C PRO A 344 11.40 -7.15 -14.07
N ASN A 345 11.04 -7.35 -15.34
CA ASN A 345 11.86 -6.85 -16.44
C ASN A 345 11.35 -5.55 -17.05
N GLN A 346 10.52 -4.79 -16.31
CA GLN A 346 9.86 -3.64 -16.92
C GLN A 346 10.84 -2.58 -17.43
N LEU A 347 11.92 -2.30 -16.69
CA LEU A 347 12.87 -1.29 -17.21
C LEU A 347 13.54 -1.75 -18.49
N GLU A 348 14.01 -3.00 -18.55
CA GLU A 348 14.59 -3.55 -19.77
C GLU A 348 13.60 -3.53 -20.94
N LEU A 349 12.36 -3.95 -20.68
CA LEU A 349 11.36 -4.06 -21.73
C LEU A 349 10.90 -2.70 -22.23
N THR A 350 10.65 -1.74 -21.32
CA THR A 350 10.21 -0.42 -21.78
C THR A 350 11.30 0.25 -22.60
N ALA A 351 12.57 0.09 -22.19
CA ALA A 351 13.68 0.62 -22.95
C ALA A 351 13.79 -0.01 -24.33
N LYS A 352 13.63 -1.34 -24.41
CA LYS A 352 13.76 -1.99 -25.71
C LYS A 352 12.65 -1.55 -26.68
N MSE A 353 11.43 -1.38 -26.21
CA MSE A 353 10.34 -0.92 -27.07
C MSE A 353 10.53 0.54 -27.45
O MSE A 353 10.25 0.94 -28.57
CB MSE A 353 8.97 -1.11 -26.37
CG MSE A 353 8.58 -2.57 -26.12
SE MSE A 353 8.49 -3.59 -27.79
CE MSE A 353 10.25 -4.33 -27.82
N ASP A 354 11.05 1.34 -26.50
CA ASP A 354 11.33 2.74 -26.78
C ASP A 354 12.35 2.89 -27.91
N ARG A 355 13.39 2.06 -27.90
CA ARG A 355 14.43 2.12 -28.91
C ARG A 355 14.00 1.46 -30.21
N MSE A 356 13.04 0.55 -30.15
CA MSE A 356 12.64 -0.18 -31.35
C MSE A 356 11.81 0.67 -32.32
O MSE A 356 11.76 0.40 -33.54
CB MSE A 356 11.86 -1.44 -30.98
CG MSE A 356 11.61 -2.37 -32.19
SE MSE A 356 10.80 -4.05 -31.67
CE MSE A 356 12.33 -4.84 -30.78
N PHE A 357 11.14 1.69 -31.79
CA PHE A 357 10.19 2.51 -32.55
C PHE A 357 10.51 3.99 -32.34
N PRO A 358 11.67 4.43 -32.83
CA PRO A 358 12.02 5.85 -32.67
C PRO A 358 11.10 6.73 -33.52
N GLY A 359 10.77 7.90 -32.99
CA GLY A 359 9.94 8.89 -33.69
C GLY A 359 8.48 8.52 -33.83
N GLU A 360 8.21 7.29 -34.25
CA GLU A 360 6.86 6.81 -34.54
C GLU A 360 6.08 6.55 -33.26
N LEU A 361 6.78 6.26 -32.18
CA LEU A 361 6.17 5.95 -30.90
C LEU A 361 6.78 6.85 -29.84
N ILE A 362 5.94 7.34 -28.92
CA ILE A 362 6.41 8.10 -27.76
C ILE A 362 6.00 7.32 -26.52
N SER A 363 6.98 6.96 -25.70
CA SER A 363 6.70 6.10 -24.55
C SER A 363 5.89 6.84 -23.49
N HIS A 364 5.00 6.11 -22.84
CA HIS A 364 4.21 6.63 -21.73
C HIS A 364 3.93 5.47 -20.79
N LEU A 365 4.41 5.58 -19.55
CA LEU A 365 4.29 4.55 -18.53
C LEU A 365 3.42 5.05 -17.39
N GLU A 366 2.67 4.12 -16.79
CA GLU A 366 1.95 4.37 -15.54
C GLU A 366 2.35 3.28 -14.57
N PHE A 367 2.96 3.67 -13.44
CA PHE A 367 3.37 2.67 -12.46
C PHE A 367 2.19 2.31 -11.56
N VAL A 368 2.06 1.01 -11.29
CA VAL A 368 0.89 0.43 -10.66
C VAL A 368 1.33 -0.76 -9.83
N ARG A 369 0.50 -1.14 -8.87
CA ARG A 369 0.61 -2.45 -8.26
C ARG A 369 -0.10 -3.47 -9.13
N PHE A 370 0.54 -4.62 -9.35
CA PHE A 370 0.02 -5.63 -10.27
C PHE A 370 0.41 -6.99 -9.71
N ASP A 371 -0.57 -7.75 -9.22
CA ASP A 371 -0.34 -9.07 -8.61
C ASP A 371 0.64 -9.03 -7.44
N GLY A 372 0.71 -7.91 -6.74
CA GLY A 372 1.59 -7.76 -5.59
C GLY A 372 2.96 -7.23 -5.91
N ASP A 373 3.30 -7.07 -7.20
CA ASP A 373 4.52 -6.41 -7.63
C ASP A 373 4.22 -4.98 -8.06
N ILE A 374 5.26 -4.15 -8.06
CA ILE A 374 5.19 -2.82 -8.62
C ILE A 374 5.77 -2.90 -10.02
N THR A 375 4.97 -2.56 -11.03
CA THR A 375 5.48 -2.54 -12.40
C THR A 375 4.75 -1.42 -13.13
N CYS A 376 4.79 -1.42 -14.45
CA CYS A 376 4.16 -0.34 -15.17
C CYS A 376 3.34 -0.90 -16.32
N PHE A 377 2.27 -0.18 -16.59
CA PHE A 377 1.36 -0.36 -17.70
C PHE A 377 1.81 0.64 -18.75
N GLY A 378 1.57 0.33 -20.02
CA GLY A 378 1.99 1.25 -21.04
C GLY A 378 0.84 1.84 -21.84
N LEU A 379 0.89 3.15 -22.09
CA LEU A 379 -0.03 3.80 -23.02
C LEU A 379 0.77 4.58 -24.06
N PRO A 380 1.71 3.93 -24.76
CA PRO A 380 2.57 4.68 -25.68
C PRO A 380 1.74 5.29 -26.80
N LEU A 381 2.09 6.52 -27.18
CA LEU A 381 1.51 7.15 -28.36
C LEU A 381 2.13 6.55 -29.62
N VAL A 382 1.30 6.35 -30.65
CA VAL A 382 1.80 5.86 -31.93
C VAL A 382 1.27 6.76 -33.03
N LYS A 383 2.17 7.21 -33.90
CA LYS A 383 1.79 8.04 -35.04
C LYS A 383 1.13 7.15 -36.08
N PHE A 384 -0.17 7.32 -36.29
CA PHE A 384 -0.88 6.48 -37.25
C PHE A 384 -0.42 6.74 -38.67
N THR A 385 -0.08 5.65 -39.37
CA THR A 385 0.18 5.72 -40.81
C THR A 385 -0.80 4.81 -41.53
N THR A 386 -0.71 3.49 -41.34
CA THR A 386 -1.60 2.53 -41.96
C THR A 386 -2.10 1.54 -40.91
N ASP A 387 -3.27 0.96 -41.20
CA ASP A 387 -3.79 -0.13 -40.36
C ASP A 387 -2.76 -1.22 -40.18
N GLU A 388 -2.10 -1.60 -41.28
CA GLU A 388 -1.17 -2.73 -41.26
C GLU A 388 0.04 -2.44 -40.36
N ARG A 389 0.59 -1.23 -40.44
CA ARG A 389 1.72 -0.89 -39.59
C ARG A 389 1.32 -0.87 -38.12
N LEU A 390 0.09 -0.41 -37.82
CA LEU A 390 -0.34 -0.38 -36.43
C LEU A 390 -0.47 -1.79 -35.87
N GLU A 391 -1.07 -2.70 -36.63
CA GLU A 391 -1.11 -4.11 -36.22
C GLU A 391 0.30 -4.66 -36.04
N GLU A 392 1.21 -4.31 -36.94
CA GLU A 392 2.57 -4.83 -36.88
C GLU A 392 3.28 -4.37 -35.60
N ILE A 393 3.09 -3.11 -35.22
CA ILE A 393 3.72 -2.62 -33.99
C ILE A 393 3.20 -3.41 -32.79
N MSE A 394 1.90 -3.70 -32.78
CA MSE A 394 1.35 -4.48 -31.68
C MSE A 394 1.89 -5.92 -31.70
O MSE A 394 2.29 -6.43 -30.67
CB MSE A 394 -0.18 -4.46 -31.74
CG MSE A 394 -0.68 -3.10 -31.25
SE MSE A 394 -2.62 -3.06 -31.07
CE MSE A 394 -3.10 -3.08 -32.95
N ASP A 395 1.90 -6.54 -32.88
CA ASP A 395 2.50 -7.87 -33.00
C ASP A 395 3.92 -7.90 -32.45
N LEU A 396 4.70 -6.85 -32.72
CA LEU A 396 6.10 -6.86 -32.29
C LEU A 396 6.24 -6.65 -30.78
N HIS A 397 5.34 -5.88 -30.15
CA HIS A 397 5.31 -5.83 -28.69
C HIS A 397 5.07 -7.21 -28.11
N ASN A 398 4.04 -7.91 -28.62
CA ASN A 398 3.71 -9.25 -28.13
C ASN A 398 4.89 -10.20 -28.28
N ALA A 399 5.59 -10.13 -29.41
CA ALA A 399 6.71 -11.03 -29.70
C ALA A 399 7.97 -10.66 -28.90
N ASN A 400 8.00 -9.49 -28.27
CA ASN A 400 9.16 -9.06 -27.51
C ASN A 400 8.84 -8.99 -26.01
N GLY A 401 7.86 -9.78 -25.57
CA GLY A 401 7.58 -9.91 -24.15
C GLY A 401 6.72 -8.82 -23.55
N CYS A 402 6.00 -8.04 -24.36
CA CYS A 402 5.22 -6.91 -23.87
C CYS A 402 3.75 -7.10 -24.28
N PRO A 403 2.98 -7.83 -23.47
CA PRO A 403 1.58 -8.12 -23.81
C PRO A 403 0.77 -6.87 -24.16
N ILE A 404 -0.03 -7.00 -25.22
CA ILE A 404 -0.85 -5.93 -25.76
C ILE A 404 -2.31 -6.21 -25.43
N PHE A 405 -3.01 -5.20 -24.92
CA PHE A 405 -4.46 -5.20 -24.78
C PHE A 405 -4.95 -4.27 -25.87
N ASN A 406 -5.32 -4.84 -27.01
CA ASN A 406 -5.57 -4.11 -28.24
C ASN A 406 -6.72 -3.11 -28.12
N PRO A 407 -6.45 -1.79 -28.13
CA PRO A 407 -7.55 -0.82 -28.03
C PRO A 407 -8.22 -0.52 -29.35
N HIS A 408 -7.79 -1.16 -30.43
CA HIS A 408 -8.33 -0.93 -31.76
C HIS A 408 -9.34 -2.01 -32.14
N ARG A 409 -10.08 -2.48 -31.14
CA ARG A 409 -11.10 -3.51 -31.23
C ARG A 409 -12.26 -3.09 -30.34
N TYR A 410 -13.46 -3.58 -30.66
CA TYR A 410 -14.63 -3.21 -29.88
C TYR A 410 -15.32 -4.39 -29.21
N THR A 411 -14.76 -5.58 -29.31
CA THR A 411 -15.31 -6.73 -28.62
C THR A 411 -14.52 -6.99 -27.35
N LEU A 412 -15.18 -7.61 -26.37
CA LEU A 412 -14.51 -8.00 -25.14
C LEU A 412 -13.24 -8.81 -25.42
N GLU A 413 -13.37 -9.90 -26.18
CA GLU A 413 -12.27 -10.85 -26.26
C GLU A 413 -11.11 -10.27 -27.06
N GLU A 414 -11.39 -9.52 -28.12
CA GLU A 414 -10.30 -8.97 -28.91
C GLU A 414 -9.58 -7.84 -28.20
N GLY A 415 -10.24 -7.18 -27.23
CA GLY A 415 -9.60 -6.15 -26.43
C GLY A 415 -8.58 -6.65 -25.42
N GLY A 416 -8.51 -7.95 -25.19
CA GLY A 416 -7.46 -8.54 -24.38
C GLY A 416 -7.61 -8.40 -22.88
N MSE A 417 -8.68 -7.75 -22.40
CA MSE A 417 -8.82 -7.52 -20.98
C MSE A 417 -9.77 -8.55 -20.36
O MSE A 417 -9.35 -9.33 -19.51
CB MSE A 417 -9.29 -6.08 -20.72
CG MSE A 417 -8.22 -5.06 -21.01
SE MSE A 417 -8.72 -3.26 -20.41
CE MSE A 417 -7.01 -2.39 -20.78
N LYS A 418 -11.02 -8.61 -20.82
CA LYS A 418 -12.03 -9.48 -20.23
C LYS A 418 -12.01 -10.84 -20.93
N GLN A 419 -11.42 -11.83 -20.26
CA GLN A 419 -11.39 -13.19 -20.79
C GLN A 419 -12.77 -13.83 -20.76
N THR A 420 -13.16 -14.47 -21.87
CA THR A 420 -14.34 -15.32 -21.89
C THR A 420 -13.92 -16.73 -21.45
N ASP A 421 -14.56 -17.25 -20.41
CA ASP A 421 -14.50 -18.69 -20.12
C ASP A 421 -15.91 -19.22 -20.00
N GLU A 422 -16.03 -20.51 -19.66
CA GLU A 422 -17.35 -21.14 -19.58
C GLU A 422 -18.23 -20.47 -18.54
N ILE A 423 -17.64 -19.96 -17.46
CA ILE A 423 -18.43 -19.26 -16.46
C ILE A 423 -18.98 -17.95 -17.02
N GLN A 424 -18.16 -17.21 -17.76
CA GLN A 424 -18.64 -15.98 -18.37
C GLN A 424 -19.77 -16.27 -19.36
N LEU A 425 -19.64 -17.32 -20.16
CA LEU A 425 -20.67 -17.64 -21.14
C LEU A 425 -21.97 -18.06 -20.47
N ALA A 426 -21.88 -18.93 -19.45
CA ALA A 426 -23.08 -19.41 -18.78
C ALA A 426 -23.80 -18.26 -18.09
N PHE A 427 -23.05 -17.31 -17.51
CA PHE A 427 -23.68 -16.19 -16.82
C PHE A 427 -24.46 -15.30 -17.80
N LYS A 428 -23.92 -15.04 -18.99
CA LYS A 428 -24.69 -14.24 -19.94
C LYS A 428 -25.98 -14.96 -20.37
N ARG A 429 -25.95 -16.30 -20.49
CA ARG A 429 -27.18 -17.03 -20.76
C ARG A 429 -28.20 -16.83 -19.65
N GLU A 430 -27.72 -16.81 -18.39
CA GLU A 430 -28.60 -16.64 -17.25
C GLU A 430 -29.19 -15.23 -17.23
N ALA A 431 -28.35 -14.21 -17.42
CA ALA A 431 -28.78 -12.83 -17.25
C ALA A 431 -29.30 -12.20 -18.54
N ASP A 432 -29.06 -12.82 -19.70
CA ASP A 432 -29.50 -12.23 -20.96
C ASP A 432 -29.81 -13.35 -21.95
N PRO A 433 -30.82 -14.18 -21.70
CA PRO A 433 -31.06 -15.33 -22.58
C PRO A 433 -31.42 -14.95 -24.01
N LYS A 434 -31.99 -13.76 -24.25
CA LYS A 434 -32.31 -13.37 -25.61
C LYS A 434 -31.17 -12.64 -26.31
N GLY A 435 -30.07 -12.37 -25.61
CA GLY A 435 -28.96 -11.65 -26.21
C GLY A 435 -29.30 -10.22 -26.55
N LEU A 436 -30.09 -9.56 -25.70
CA LEU A 436 -30.50 -8.18 -25.95
C LEU A 436 -29.58 -7.16 -25.31
N LEU A 437 -28.71 -7.55 -24.37
CA LEU A 437 -27.84 -6.63 -23.65
C LEU A 437 -26.54 -6.42 -24.42
N ASN A 438 -26.37 -5.21 -24.96
CA ASN A 438 -25.16 -4.82 -25.69
C ASN A 438 -24.71 -5.90 -26.70
N PRO A 439 -25.55 -6.25 -27.67
CA PRO A 439 -25.18 -7.31 -28.62
C PRO A 439 -23.98 -6.93 -29.47
N GLY A 440 -23.27 -7.95 -29.95
CA GLY A 440 -22.08 -7.77 -30.75
C GLY A 440 -20.77 -7.62 -29.97
N LYS A 441 -20.82 -7.39 -28.67
CA LYS A 441 -19.62 -7.08 -27.91
C LYS A 441 -18.91 -8.30 -27.36
N MSE A 442 -19.56 -9.47 -27.38
CA MSE A 442 -18.95 -10.70 -26.91
C MSE A 442 -18.90 -11.72 -28.04
O MSE A 442 -19.94 -12.25 -28.43
CB MSE A 442 -19.75 -11.29 -25.74
CG MSE A 442 -19.05 -12.43 -25.01
SE MSE A 442 -20.34 -13.35 -23.85
CE MSE A 442 -19.06 -14.39 -22.76
N ILE A 443 -17.69 -11.99 -28.54
CA ILE A 443 -17.54 -12.87 -29.70
C ILE A 443 -18.07 -14.27 -29.39
N ALA A 444 -17.78 -14.77 -28.19
CA ALA A 444 -18.15 -16.13 -27.83
C ALA A 444 -19.66 -16.33 -27.83
N TRP A 445 -20.42 -15.25 -27.66
CA TRP A 445 -21.88 -15.39 -27.68
C TRP A 445 -22.36 -15.65 -29.10
N ASP A 446 -21.75 -14.99 -30.09
CA ASP A 446 -22.16 -15.15 -31.48
C ASP A 446 -21.46 -16.29 -32.19
N ASP A 447 -20.37 -16.81 -31.63
CA ASP A 447 -19.58 -17.85 -32.29
C ASP A 447 -19.59 -19.13 -31.49
N PRO A 448 -20.33 -20.17 -31.91
CA PRO A 448 -20.24 -21.45 -31.19
C PRO A 448 -18.88 -22.11 -31.28
N ASP A 449 -18.08 -21.79 -32.29
CA ASP A 449 -16.78 -22.39 -32.50
C ASP A 449 -15.65 -21.59 -31.85
N TYR A 450 -15.95 -20.54 -31.11
CA TYR A 450 -14.90 -19.65 -30.62
C TYR A 450 -13.99 -20.38 -29.65
N ASP A 451 -12.68 -20.26 -29.87
CA ASP A 451 -11.69 -20.81 -28.96
C ASP A 451 -11.37 -19.74 -27.93
N PHE A 452 -12.30 -19.57 -26.98
CA PHE A 452 -12.07 -18.59 -25.91
C PHE A 452 -11.05 -19.07 -24.89
N ASN A 453 -10.51 -20.28 -25.05
CA ASN A 453 -9.43 -20.78 -24.22
C ASN A 453 -8.05 -20.41 -24.77
N SER A 454 -8.00 -19.64 -25.86
CA SER A 454 -6.75 -19.17 -26.41
C SER A 454 -6.42 -17.81 -25.80
N GLY A 455 -5.58 -17.01 -26.47
CA GLY A 455 -5.10 -15.77 -25.90
C GLY A 455 -4.08 -16.05 -24.83
N LYS A 456 -3.16 -15.12 -24.59
CA LYS A 456 -2.14 -15.37 -23.60
C LYS A 456 -2.46 -14.63 -22.31
N VAL A 457 -2.16 -13.35 -22.27
CA VAL A 457 -2.25 -12.55 -21.05
C VAL A 457 -3.57 -11.80 -21.07
N TRP A 458 -4.45 -12.13 -20.12
CA TRP A 458 -5.73 -11.44 -19.92
C TRP A 458 -5.65 -10.57 -18.67
N LEU A 459 -6.02 -9.30 -18.82
CA LEU A 459 -6.00 -8.42 -17.66
C LEU A 459 -7.01 -8.84 -16.61
N PHE A 460 -8.23 -9.19 -17.03
CA PHE A 460 -9.29 -9.68 -16.15
C PHE A 460 -9.48 -11.18 -16.43
N LYS A 461 -8.68 -12.00 -15.76
CA LYS A 461 -8.77 -13.45 -15.95
C LYS A 461 -10.10 -14.00 -15.45
N GLY A 462 -10.57 -15.08 -16.10
CA GLY A 462 -11.83 -15.67 -15.75
C GLY A 462 -11.81 -16.36 -14.40
N LEU A 463 -13.02 -16.58 -13.84
CA LEU A 463 -13.13 -17.21 -12.52
C LEU A 463 -12.86 -18.71 -12.54
N LYS A 464 -12.96 -19.36 -13.70
CA LYS A 464 -12.82 -20.81 -13.73
C LYS A 464 -11.36 -21.23 -13.49
N GLN A 465 -11.18 -22.36 -12.81
CA GLN A 465 -9.85 -22.90 -12.57
C GLN A 465 -9.95 -24.39 -12.25
N ALA A 466 -8.82 -25.09 -12.45
CA ALA A 466 -8.61 -26.49 -12.05
C ALA A 466 -9.77 -27.43 -12.38
N GLY B 1 28.72 3.04 40.42
CA GLY B 1 28.67 4.20 41.30
C GLY B 1 29.52 5.36 40.84
N HIS B 2 28.94 6.24 40.03
CA HIS B 2 29.70 7.34 39.45
C HIS B 2 30.11 8.32 40.53
N MSE B 3 31.32 8.85 40.40
CA MSE B 3 31.91 9.61 41.50
C MSE B 3 31.25 10.97 41.73
O MSE B 3 31.44 11.58 42.79
CB MSE B 3 33.42 9.76 41.29
CG MSE B 3 33.88 10.86 40.35
SE MSE B 3 35.85 10.85 40.31
CE MSE B 3 36.14 10.32 42.13
N ASN B 4 30.44 11.44 40.77
CA ASN B 4 29.94 12.81 40.83
C ASN B 4 28.44 12.88 41.12
N ILE B 5 27.85 11.80 41.65
CA ILE B 5 26.40 11.76 41.83
C ILE B 5 25.94 12.81 42.84
N GLU B 6 26.68 12.98 43.94
CA GLU B 6 26.29 13.96 44.96
C GLU B 6 26.18 15.36 44.37
N ALA B 7 27.24 15.80 43.70
CA ALA B 7 27.22 17.14 43.09
C ALA B 7 26.13 17.26 42.05
N LEU B 8 25.95 16.24 41.20
CA LEU B 8 24.89 16.29 40.19
C LEU B 8 23.51 16.41 40.85
N THR B 9 23.27 15.62 41.90
CA THR B 9 21.97 15.62 42.55
C THR B 9 21.63 17.00 43.10
N ALA B 10 22.63 17.71 43.62
CA ALA B 10 22.41 19.02 44.22
C ALA B 10 22.02 20.08 43.19
N GLU B 11 22.29 19.84 41.91
CA GLU B 11 21.93 20.77 40.85
C GLU B 11 20.56 20.48 40.23
N LEU B 12 19.83 19.47 40.73
CA LEU B 12 18.57 19.08 40.11
C LEU B 12 17.37 19.32 41.02
N ASP B 13 17.49 20.27 41.95
CA ASP B 13 16.35 20.61 42.81
C ASP B 13 15.16 21.08 41.99
N GLY B 14 13.99 20.53 42.28
CA GLY B 14 12.79 20.80 41.53
C GLY B 14 12.52 19.83 40.39
N ILE B 15 13.48 18.99 40.05
CA ILE B 15 13.32 17.98 39.01
C ILE B 15 13.13 16.64 39.69
N ARG B 16 12.17 15.84 39.21
CA ARG B 16 11.88 14.58 39.87
C ARG B 16 13.00 13.59 39.62
N ILE B 17 13.60 13.07 40.70
CA ILE B 17 14.69 12.12 40.63
C ILE B 17 14.44 11.00 41.64
N GLU B 18 15.07 9.85 41.39
CA GLU B 18 14.86 8.65 42.20
C GLU B 18 16.21 7.95 42.37
N ASP B 19 16.66 7.76 43.62
CA ASP B 19 17.88 6.98 43.84
C ASP B 19 17.65 5.71 44.65
N ASN B 20 16.40 5.33 44.90
CA ASN B 20 16.13 4.07 45.59
C ASN B 20 16.70 2.91 44.79
N GLU B 21 17.52 2.08 45.45
CA GLU B 21 18.28 1.05 44.75
C GLU B 21 17.36 0.13 43.94
N LYS B 22 16.26 -0.32 44.55
CA LYS B 22 15.42 -1.31 43.88
C LYS B 22 14.68 -0.70 42.68
N ILE B 23 14.21 0.53 42.80
CA ILE B 23 13.51 1.16 41.68
C ILE B 23 14.49 1.51 40.57
N VAL B 24 15.64 2.08 40.93
CA VAL B 24 16.67 2.36 39.92
C VAL B 24 17.02 1.09 39.16
N GLN B 25 17.15 -0.04 39.88
CA GLN B 25 17.48 -1.29 39.21
C GLN B 25 16.37 -1.72 38.25
N GLN B 26 15.11 -1.58 38.66
CA GLN B 26 14.00 -1.93 37.77
C GLN B 26 13.98 -1.04 36.53
N LYS B 27 14.26 0.25 36.70
CA LYS B 27 14.28 1.20 35.61
C LYS B 27 15.62 1.20 34.87
N SER B 28 16.53 0.29 35.21
CA SER B 28 17.78 0.11 34.49
C SER B 28 17.76 -1.17 33.64
N ARG B 29 16.61 -1.84 33.56
CA ARG B 29 16.48 -3.09 32.84
C ARG B 29 15.33 -3.00 31.84
N ASP B 30 15.50 -3.63 30.67
CA ASP B 30 14.40 -3.77 29.74
C ASP B 30 14.08 -5.26 29.59
N PHE B 31 13.70 -5.70 28.39
CA PHE B 31 13.42 -7.11 28.16
C PHE B 31 14.60 -7.83 27.50
N TYR B 32 15.82 -7.34 27.76
CA TYR B 32 17.05 -8.03 27.38
C TYR B 32 17.04 -9.52 27.72
N TRP B 33 16.37 -9.90 28.81
CA TRP B 33 16.43 -11.29 29.26
C TRP B 33 15.72 -12.27 28.32
N TYR B 34 15.05 -11.77 27.27
CA TYR B 34 14.59 -12.68 26.21
C TYR B 34 15.77 -13.42 25.61
N SER B 35 16.97 -12.84 25.70
CA SER B 35 18.18 -13.48 25.24
C SER B 35 18.92 -14.11 26.42
N PRO B 36 19.08 -15.43 26.46
CA PRO B 36 19.86 -16.03 27.55
C PRO B 36 21.27 -15.44 27.66
N LEU B 37 21.89 -15.10 26.53
CA LEU B 37 23.21 -14.50 26.55
C LEU B 37 23.19 -13.12 27.23
N LEU B 38 22.26 -12.25 26.81
CA LEU B 38 22.19 -10.93 27.44
C LEU B 38 21.78 -11.03 28.89
N LYS B 39 20.95 -12.01 29.24
CA LYS B 39 20.50 -12.16 30.62
C LYS B 39 21.69 -12.34 31.54
N ARG B 40 22.70 -13.10 31.09
CA ARG B 40 23.91 -13.33 31.85
C ARG B 40 24.85 -12.14 31.76
N GLN B 41 25.08 -11.63 30.55
CA GLN B 41 26.10 -10.60 30.36
C GLN B 41 25.72 -9.27 31.01
N LEU B 42 24.43 -8.95 31.07
CA LEU B 42 23.97 -7.65 31.55
C LEU B 42 23.42 -7.72 32.98
N ASP B 43 23.61 -8.84 33.67
CA ASP B 43 22.97 -9.03 34.98
C ASP B 43 23.41 -7.97 35.99
N HIS B 44 24.67 -7.53 35.94
CA HIS B 44 25.18 -6.58 36.93
C HIS B 44 24.87 -5.13 36.59
N VAL B 45 24.21 -4.86 35.48
CA VAL B 45 23.98 -3.49 35.04
C VAL B 45 22.93 -2.81 35.92
N THR B 46 23.24 -1.60 36.38
CA THR B 46 22.24 -0.74 37.02
C THR B 46 22.73 0.69 36.97
N GLY B 47 21.79 1.63 37.04
CA GLY B 47 22.13 3.04 37.07
C GLY B 47 22.41 3.52 38.48
N ASP B 48 22.72 4.81 38.57
CA ASP B 48 22.83 5.49 39.86
C ASP B 48 21.58 6.29 40.21
N LEU B 49 20.85 6.77 39.21
CA LEU B 49 19.79 7.75 39.39
C LEU B 49 18.81 7.62 38.23
N VAL B 50 17.52 7.70 38.51
CA VAL B 50 16.51 7.87 37.47
C VAL B 50 16.03 9.31 37.52
N VAL B 51 16.14 10.02 36.40
CA VAL B 51 15.73 11.42 36.30
C VAL B 51 14.60 11.52 35.29
N SER B 52 13.50 12.22 35.66
CA SER B 52 12.28 12.25 34.86
C SER B 52 11.85 13.70 34.56
N PRO B 53 12.40 14.32 33.50
CA PRO B 53 11.95 15.67 33.16
C PRO B 53 10.53 15.71 32.62
N LYS B 54 9.82 16.78 32.97
CA LYS B 54 8.44 16.99 32.52
C LYS B 54 8.36 17.75 31.21
N THR B 55 9.37 18.54 30.89
CA THR B 55 9.37 19.46 29.77
C THR B 55 10.75 19.47 29.14
N GLU B 56 10.81 19.99 27.91
CA GLU B 56 12.10 20.19 27.26
C GLU B 56 13.00 21.12 28.07
N ALA B 57 12.43 22.16 28.70
CA ALA B 57 13.27 23.02 29.54
C ALA B 57 13.91 22.24 30.69
N GLU B 58 13.14 21.37 31.36
CA GLU B 58 13.71 20.55 32.41
C GLU B 58 14.76 19.57 31.86
N LEU B 59 14.46 18.98 30.70
CA LEU B 59 15.43 18.10 30.05
C LEU B 59 16.74 18.82 29.80
N ILE B 60 16.68 20.05 29.28
CA ILE B 60 17.90 20.79 28.99
C ILE B 60 18.66 21.09 30.28
N ARG B 61 17.94 21.41 31.35
CA ARG B 61 18.59 21.62 32.63
C ARG B 61 19.30 20.34 33.10
N VAL B 62 18.72 19.17 32.82
CA VAL B 62 19.31 17.91 33.25
C VAL B 62 20.57 17.60 32.44
N LEU B 63 20.48 17.71 31.11
CA LEU B 63 21.63 17.41 30.25
C LEU B 63 22.78 18.35 30.54
N LYS B 64 22.49 19.65 30.74
CA LYS B 64 23.54 20.60 31.03
C LYS B 64 24.27 20.23 32.33
N ALA B 65 23.53 19.76 33.33
CA ALA B 65 24.16 19.36 34.58
C ALA B 65 24.94 18.05 34.41
N CYS B 66 24.37 17.09 33.69
CA CYS B 66 25.13 15.85 33.47
C CYS B 66 26.38 16.10 32.66
N TYR B 67 26.33 17.04 31.72
CA TYR B 67 27.50 17.33 30.90
C TYR B 67 28.63 17.91 31.75
N ARG B 68 28.33 18.92 32.57
CA ARG B 68 29.38 19.53 33.36
C ARG B 68 29.92 18.60 34.45
N HIS B 69 29.16 17.60 34.89
CA HIS B 69 29.68 16.63 35.86
C HIS B 69 30.09 15.32 35.20
N GLU B 70 30.02 15.25 33.87
CA GLU B 70 30.44 14.09 33.08
C GLU B 70 29.82 12.80 33.58
N VAL B 71 28.52 12.84 33.82
CA VAL B 71 27.75 11.68 34.25
C VAL B 71 27.03 11.12 33.02
N PRO B 72 27.18 9.84 32.71
CA PRO B 72 26.52 9.29 31.52
C PRO B 72 25.01 9.36 31.65
N VAL B 73 24.35 9.43 30.49
CA VAL B 73 22.91 9.55 30.38
C VAL B 73 22.42 8.47 29.44
N THR B 74 21.53 7.63 29.92
CA THR B 74 20.95 6.57 29.10
C THR B 74 19.45 6.81 29.03
N PRO B 75 18.92 7.15 27.86
CA PRO B 75 17.49 7.44 27.76
C PRO B 75 16.64 6.19 27.92
N ARG B 76 15.42 6.40 28.39
CA ARG B 76 14.46 5.33 28.55
C ARG B 76 13.08 5.84 28.22
N GLY B 77 12.33 5.08 27.44
CA GLY B 77 10.92 5.34 27.23
C GLY B 77 10.16 4.63 28.33
N THR B 78 9.73 3.40 28.04
CA THR B 78 9.19 2.54 29.10
C THR B 78 9.93 1.21 29.23
N GLY B 79 11.10 1.09 28.62
CA GLY B 79 11.95 -0.06 28.87
C GLY B 79 11.41 -1.40 28.40
N THR B 80 10.83 -1.46 27.21
CA THR B 80 10.34 -2.71 26.63
C THR B 80 11.23 -3.24 25.51
N GLY B 81 12.34 -2.57 25.21
CA GLY B 81 13.28 -3.11 24.23
C GLY B 81 13.82 -4.47 24.64
N ASN B 82 14.24 -5.24 23.61
CA ASN B 82 14.73 -6.61 23.83
C ASN B 82 16.25 -6.74 23.84
N TYR B 83 17.02 -5.69 23.55
CA TYR B 83 18.46 -5.85 23.37
C TYR B 83 19.27 -5.19 24.48
N GLY B 84 18.63 -4.72 25.55
CA GLY B 84 19.33 -3.91 26.52
C GLY B 84 19.66 -2.52 26.05
N GLN B 85 18.98 -2.02 25.00
CA GLN B 85 19.29 -0.69 24.47
C GLN B 85 19.20 0.39 25.54
N ALA B 86 18.20 0.32 26.42
CA ALA B 86 18.01 1.35 27.43
C ALA B 86 18.74 1.06 28.74
N MSE B 87 19.66 0.10 28.74
CA MSE B 87 20.33 -0.24 29.99
C MSE B 87 21.66 0.48 30.08
O MSE B 87 22.46 0.47 29.15
CB MSE B 87 20.48 -1.75 30.14
CG MSE B 87 19.12 -2.45 30.14
SE MSE B 87 19.14 -4.36 30.29
CE MSE B 87 20.20 -4.46 31.90
N PRO B 88 21.90 1.12 31.22
CA PRO B 88 23.09 1.98 31.38
C PRO B 88 24.37 1.21 31.69
N LEU B 89 25.14 0.92 30.64
CA LEU B 89 26.35 0.10 30.82
C LEU B 89 27.35 0.75 31.77
N SER B 90 27.35 2.08 31.88
CA SER B 90 28.31 2.79 32.71
C SER B 90 27.68 3.39 33.96
N GLY B 91 26.55 2.86 34.41
CA GLY B 91 25.89 3.50 35.53
C GLY B 91 25.37 4.89 35.17
N GLY B 92 25.41 5.79 36.13
CA GLY B 92 24.98 7.15 35.82
C GLY B 92 23.46 7.32 35.81
N VAL B 93 23.01 8.22 34.96
CA VAL B 93 21.61 8.65 34.95
C VAL B 93 20.84 7.82 33.94
N VAL B 94 19.74 7.22 34.39
CA VAL B 94 18.68 6.76 33.50
C VAL B 94 17.71 7.91 33.34
N LEU B 95 17.62 8.43 32.10
CA LEU B 95 16.82 9.61 31.78
C LEU B 95 15.51 9.13 31.19
N SER B 96 14.46 9.16 32.01
CA SER B 96 13.14 8.70 31.60
C SER B 96 12.41 9.84 30.92
N LEU B 97 11.92 9.60 29.71
CA LEU B 97 11.11 10.58 28.99
C LEU B 97 9.62 10.33 29.17
N ALA B 98 9.24 9.48 30.12
CA ALA B 98 7.85 9.03 30.24
C ALA B 98 6.87 10.17 30.49
N ASP B 99 7.33 11.24 31.15
CA ASP B 99 6.44 12.36 31.45
C ASP B 99 6.40 13.40 30.34
N MSE B 100 7.22 13.27 29.30
CA MSE B 100 7.09 14.15 28.16
C MSE B 100 6.16 13.51 27.13
O MSE B 100 6.62 12.90 26.17
CB MSE B 100 8.45 14.47 27.54
CG MSE B 100 9.28 15.36 28.45
SE MSE B 100 11.01 15.82 27.63
CE MSE B 100 10.38 16.94 26.16
N ASN B 101 4.86 13.63 27.37
CA ASN B 101 3.87 12.90 26.60
C ASN B 101 2.83 13.85 26.00
N ASP B 102 3.26 15.06 25.58
CA ASP B 102 2.36 15.98 24.89
C ASP B 102 1.87 15.39 23.58
N ILE B 103 0.63 15.69 23.24
CA ILE B 103 0.10 15.51 21.88
C ILE B 103 -0.41 16.87 21.44
N ARG B 104 0.29 17.53 20.52
CA ARG B 104 0.00 18.94 20.29
C ARG B 104 -0.63 19.22 18.93
N GLU B 105 -0.65 18.25 18.03
CA GLU B 105 -1.25 18.51 16.73
C GLU B 105 -1.64 17.21 16.09
N ILE B 106 -2.85 17.18 15.53
CA ILE B 106 -3.40 16.07 14.76
C ILE B 106 -4.07 16.69 13.54
N LYS B 107 -3.62 16.32 12.35
CA LYS B 107 -4.09 16.83 11.07
C LYS B 107 -4.35 15.65 10.16
N PRO B 108 -5.03 15.87 9.00
CA PRO B 108 -5.22 14.77 8.06
C PRO B 108 -3.87 14.26 7.59
N GLY B 109 -3.48 13.09 8.08
CA GLY B 109 -2.24 12.49 7.63
C GLY B 109 -1.03 12.64 8.53
N TRP B 110 -1.10 13.36 9.66
CA TRP B 110 0.09 13.41 10.50
C TRP B 110 -0.24 13.84 11.93
N VAL B 111 0.70 13.56 12.84
CA VAL B 111 0.55 13.91 14.25
C VAL B 111 1.88 14.42 14.77
N ILE B 112 1.82 15.33 15.74
CA ILE B 112 3.02 15.83 16.44
C ILE B 112 2.86 15.52 17.93
N CYS B 113 3.85 14.83 18.51
CA CYS B 113 3.73 14.42 19.90
C CYS B 113 5.10 14.32 20.56
N GLY B 114 5.09 14.22 21.92
CA GLY B 114 6.30 14.00 22.68
C GLY B 114 6.75 12.54 22.67
N PRO B 115 7.99 12.33 23.13
CA PRO B 115 8.58 10.98 23.05
C PRO B 115 7.92 9.95 23.95
N GLY B 116 7.35 10.38 25.08
CA GLY B 116 6.80 9.47 26.06
C GLY B 116 5.37 9.00 25.84
N VAL B 117 4.69 9.51 24.81
CA VAL B 117 3.35 9.01 24.49
C VAL B 117 3.40 7.52 24.23
N ILE B 118 2.57 6.75 24.96
CA ILE B 118 2.40 5.33 24.70
C ILE B 118 1.64 5.14 23.38
N CYS B 119 2.04 4.13 22.59
CA CYS B 119 1.51 4.02 21.23
C CYS B 119 -0.01 3.96 21.22
N SER B 120 -0.61 3.18 22.12
CA SER B 120 -2.06 3.02 22.11
C SER B 120 -2.78 4.30 22.57
N ASP B 121 -2.14 5.07 23.46
CA ASP B 121 -2.66 6.39 23.80
C ASP B 121 -2.63 7.34 22.61
N LEU B 122 -1.55 7.32 21.83
CA LEU B 122 -1.50 8.12 20.61
C LEU B 122 -2.67 7.78 19.69
N ASP B 123 -2.94 6.48 19.51
CA ASP B 123 -4.06 6.10 18.65
C ASP B 123 -5.39 6.46 19.28
N LYS B 124 -5.50 6.34 20.61
CA LYS B 124 -6.76 6.72 21.26
C LYS B 124 -7.10 8.16 20.93
N ALA B 125 -6.10 9.05 20.98
CA ALA B 125 -6.34 10.46 20.70
C ALA B 125 -6.59 10.70 19.21
N ALA B 126 -5.79 10.06 18.33
CA ALA B 126 -5.98 10.27 16.90
C ALA B 126 -7.33 9.74 16.44
N ARG B 127 -7.80 8.64 17.03
CA ARG B 127 -9.12 8.13 16.67
C ARG B 127 -10.22 9.08 17.10
N ALA B 128 -10.15 9.57 18.34
CA ALA B 128 -11.18 10.48 18.81
C ALA B 128 -11.20 11.78 18.01
N HIS B 129 -10.02 12.26 17.62
CA HIS B 129 -9.92 13.55 16.94
C HIS B 129 -10.45 13.44 15.51
N SER B 130 -10.04 12.42 14.77
CA SER B 130 -10.45 12.37 13.37
C SER B 130 -10.35 10.98 12.77
N GLY B 131 -10.54 9.94 13.58
CA GLY B 131 -10.57 8.59 13.01
C GLY B 131 -9.28 8.17 12.34
N GLN B 132 -8.14 8.52 12.94
CA GLN B 132 -6.82 8.19 12.42
C GLN B 132 -6.05 7.38 13.45
N GLU B 133 -4.94 6.81 13.01
CA GLU B 133 -4.09 6.01 13.89
C GLU B 133 -2.72 5.88 13.24
N LEU B 134 -1.78 5.34 14.01
CA LEU B 134 -0.43 5.14 13.50
C LEU B 134 -0.43 4.20 12.30
N ARG B 135 0.52 4.41 11.39
CA ARG B 135 0.73 3.47 10.29
C ARG B 135 1.19 2.11 10.81
N MSE B 136 2.06 2.12 11.81
CA MSE B 136 2.68 0.91 12.32
C MSE B 136 2.97 1.07 13.80
O MSE B 136 3.13 2.19 14.28
CB MSE B 136 3.98 0.61 11.59
CG MSE B 136 4.99 1.73 11.73
SE MSE B 136 6.59 1.34 10.69
CE MSE B 136 5.80 0.86 9.05
N HIS B 137 3.04 -0.04 14.52
CA HIS B 137 3.36 0.01 15.93
C HIS B 137 3.92 -1.34 16.34
N PRO B 138 4.71 -1.40 17.40
CA PRO B 138 5.18 -2.70 17.89
C PRO B 138 4.03 -3.46 18.52
N SER B 139 4.20 -4.76 18.66
CA SER B 139 3.16 -5.54 19.33
C SER B 139 3.03 -5.14 20.81
N THR B 140 4.04 -4.45 21.36
CA THR B 140 3.98 -3.80 22.67
C THR B 140 3.18 -2.49 22.65
N TYR B 141 2.28 -2.36 21.66
CA TYR B 141 1.29 -1.29 21.53
C TYR B 141 0.89 -0.60 22.84
N HIS B 142 0.43 -1.38 23.81
CA HIS B 142 -0.15 -0.80 25.01
C HIS B 142 0.88 -0.40 26.08
N THR B 143 2.18 -0.63 25.85
CA THR B 143 3.17 -0.32 26.88
C THR B 143 4.36 0.51 26.37
N ALA B 144 4.68 0.37 25.08
CA ALA B 144 5.85 1.02 24.47
C ALA B 144 5.57 2.48 24.14
N THR B 145 6.61 3.33 24.26
CA THR B 145 6.51 4.73 23.87
C THR B 145 6.87 4.91 22.40
N VAL B 146 6.35 6.01 21.83
CA VAL B 146 6.64 6.35 20.45
C VAL B 146 8.11 6.70 20.28
N GLY B 147 8.68 7.46 21.22
CA GLY B 147 10.08 7.83 21.12
C GLY B 147 11.01 6.62 21.23
N GLY B 148 10.65 5.64 22.07
CA GLY B 148 11.47 4.45 22.17
C GLY B 148 11.34 3.55 20.96
N PHE B 149 10.17 3.54 20.33
CA PHE B 149 9.98 2.83 19.07
C PHE B 149 10.92 3.38 18.01
N ILE B 150 11.00 4.71 17.92
CA ILE B 150 11.85 5.31 16.90
C ILE B 150 13.32 5.08 17.19
N ALA B 151 13.72 5.19 18.45
CA ALA B 151 15.13 5.06 18.77
C ALA B 151 15.56 3.60 18.98
N GLY B 152 14.63 2.68 19.18
CA GLY B 152 15.01 1.33 19.57
C GLY B 152 14.32 0.20 18.83
N GLY B 153 13.30 0.52 18.03
CA GLY B 153 12.51 -0.47 17.32
C GLY B 153 12.67 -0.37 15.81
N SER B 154 11.83 -1.14 15.09
CA SER B 154 12.02 -1.20 13.64
C SER B 154 10.73 -1.27 12.83
N GLY B 155 9.62 -1.69 13.41
CA GLY B 155 8.38 -1.86 12.66
C GLY B 155 7.45 -2.77 13.44
N GLY B 156 6.52 -3.40 12.74
CA GLY B 156 5.62 -4.30 13.45
C GLY B 156 4.26 -4.40 12.78
N ILE B 157 3.20 -4.31 13.60
CA ILE B 157 1.86 -4.28 13.04
C ILE B 157 1.78 -3.10 12.09
N GLY B 158 1.28 -3.34 10.86
CA GLY B 158 1.21 -2.31 9.85
C GLY B 158 2.36 -2.32 8.86
N SER B 159 3.44 -3.03 9.17
CA SER B 159 4.55 -3.13 8.22
C SER B 159 4.14 -3.84 6.95
N ILE B 160 3.10 -4.68 7.00
CA ILE B 160 2.54 -5.31 5.80
C ILE B 160 2.13 -4.25 4.78
N ASN B 161 1.75 -3.06 5.26
CA ASN B 161 1.28 -1.96 4.42
C ASN B 161 2.36 -0.93 4.09
N TRP B 162 3.28 -0.68 5.01
CA TRP B 162 4.10 0.52 4.98
C TRP B 162 5.60 0.29 5.04
N GLY B 163 6.06 -0.96 5.20
CA GLY B 163 7.49 -1.17 5.41
C GLY B 163 7.86 -0.95 6.87
N GLY B 164 8.90 -0.17 7.11
CA GLY B 164 9.35 -0.05 8.48
C GLY B 164 9.94 1.31 8.78
N LEU B 165 10.45 1.43 10.00
CA LEU B 165 11.07 2.70 10.38
C LEU B 165 12.32 3.00 9.57
N ARG B 166 12.87 1.99 8.88
CA ARG B 166 14.00 2.20 7.98
C ARG B 166 13.65 3.02 6.74
N ASP B 167 12.36 3.22 6.42
CA ASP B 167 11.94 3.71 5.11
C ASP B 167 11.57 5.18 5.15
N PHE B 168 12.04 5.95 4.16
CA PHE B 168 11.58 7.32 3.97
C PHE B 168 10.07 7.43 4.11
N GLY B 169 9.62 8.46 4.84
CA GLY B 169 8.21 8.78 4.94
C GLY B 169 7.50 8.23 6.17
N ASN B 170 8.05 7.19 6.82
CA ASN B 170 7.38 6.62 7.99
C ASN B 170 7.67 7.39 9.27
N ILE B 171 8.63 8.30 9.24
CA ILE B 171 8.80 9.40 10.19
C ILE B 171 8.96 10.68 9.38
N ILE B 172 8.36 11.78 9.84
CA ILE B 172 8.40 13.04 9.11
C ILE B 172 9.46 14.00 9.66
N ARG B 173 9.57 14.09 10.99
CA ARG B 173 10.50 15.02 11.61
C ARG B 173 10.82 14.51 13.01
N LEU B 174 12.09 14.68 13.40
CA LEU B 174 12.52 14.46 14.78
C LEU B 174 13.16 15.74 15.30
N ARG B 175 12.62 16.25 16.40
CA ARG B 175 13.28 17.29 17.18
C ARG B 175 14.17 16.62 18.21
N VAL B 176 15.46 16.96 18.21
CA VAL B 176 16.46 16.33 19.04
C VAL B 176 17.24 17.37 19.83
N VAL B 177 17.55 17.05 21.09
CA VAL B 177 18.36 17.90 21.96
C VAL B 177 19.70 17.20 22.15
N THR B 178 20.79 17.94 21.93
CA THR B 178 22.12 17.36 21.99
C THR B 178 22.68 17.40 23.41
N MSE B 179 23.69 16.55 23.64
CA MSE B 179 24.47 16.57 24.87
C MSE B 179 25.71 17.45 24.71
O MSE B 179 26.78 16.98 24.33
CB MSE B 179 24.88 15.14 25.26
CG MSE B 179 25.77 15.11 26.48
SE MSE B 179 24.77 15.57 28.12
CE MSE B 179 24.32 13.68 28.32
N GLU B 180 25.57 18.74 24.99
CA GLU B 180 26.65 19.68 24.83
C GLU B 180 26.66 20.59 26.05
N GLN B 181 27.74 21.36 26.19
CA GLN B 181 27.82 22.28 27.32
C GLN B 181 26.59 23.16 27.38
N GLU B 182 26.16 23.66 26.23
CA GLU B 182 24.85 24.27 26.09
C GLU B 182 24.03 23.40 25.14
N PRO B 183 23.11 22.57 25.66
CA PRO B 183 22.39 21.64 24.78
C PRO B 183 21.63 22.39 23.68
N GLN B 184 21.75 21.89 22.46
CA GLN B 184 21.19 22.52 21.27
C GLN B 184 19.96 21.76 20.81
N VAL B 185 19.02 22.49 20.22
CA VAL B 185 17.81 21.90 19.65
C VAL B 185 18.01 21.75 18.15
N LEU B 186 17.89 20.51 17.65
CA LEU B 186 17.95 20.23 16.21
C LEU B 186 16.58 19.82 15.71
N GLU B 187 16.16 20.38 14.59
CA GLU B 187 14.93 19.99 13.90
C GLU B 187 15.36 19.20 12.67
N LEU B 188 15.26 17.88 12.74
CA LEU B 188 15.80 17.02 11.69
C LEU B 188 14.68 16.61 10.73
N THR B 189 14.81 16.98 9.45
CA THR B 189 13.83 16.53 8.47
C THR B 189 14.56 15.86 7.31
N GLY B 190 13.85 15.59 6.22
CA GLY B 190 14.47 14.98 5.04
C GLY B 190 15.21 13.71 5.41
N GLU B 191 16.43 13.58 4.91
CA GLU B 191 17.25 12.43 5.27
C GLU B 191 17.89 12.57 6.65
N ASP B 192 18.00 13.79 7.18
CA ASP B 192 18.78 13.99 8.42
C ASP B 192 18.18 13.24 9.59
N LEU B 193 16.85 13.08 9.63
CA LEU B 193 16.25 12.41 10.77
C LEU B 193 16.63 10.94 10.82
N HIS B 194 17.03 10.37 9.69
CA HIS B 194 17.38 8.97 9.69
C HIS B 194 18.73 8.68 10.34
N LYS B 195 19.48 9.72 10.73
CA LYS B 195 20.67 9.47 11.54
C LYS B 195 20.29 8.98 12.94
N VAL B 196 19.09 9.31 13.41
CA VAL B 196 18.64 9.11 14.78
C VAL B 196 17.83 7.81 14.93
N THR B 197 17.15 7.39 13.87
CA THR B 197 16.32 6.19 13.95
C THR B 197 17.17 4.99 14.33
N HIS B 198 16.68 4.19 15.29
CA HIS B 198 17.35 2.99 15.75
C HIS B 198 18.82 3.23 16.12
N ALA B 199 19.13 4.42 16.64
CA ALA B 199 20.48 4.73 17.10
C ALA B 199 20.62 4.60 18.63
N TYR B 200 19.61 4.05 19.31
CA TYR B 200 19.63 3.75 20.75
C TYR B 200 19.82 5.01 21.61
N GLY B 201 19.47 6.18 21.12
CA GLY B 201 19.64 7.39 21.92
C GLY B 201 21.06 7.88 22.02
N THR B 202 21.98 7.36 21.18
CA THR B 202 23.39 7.69 21.25
C THR B 202 23.74 8.99 20.56
N ASN B 203 22.82 9.61 19.81
CA ASN B 203 23.16 10.86 19.13
C ASN B 203 22.09 11.93 19.34
N GLY B 204 21.47 11.93 20.53
CA GLY B 204 20.61 13.01 20.98
C GLY B 204 19.31 12.51 21.57
N ILE B 205 18.61 13.37 22.31
CA ILE B 205 17.35 13.00 22.96
C ILE B 205 16.20 13.51 22.08
N ILE B 206 15.35 12.60 21.63
CA ILE B 206 14.15 13.00 20.89
C ILE B 206 13.18 13.66 21.87
N THR B 207 12.82 14.91 21.60
CA THR B 207 11.81 15.58 22.41
C THR B 207 10.50 15.84 21.67
N GLU B 208 10.47 15.67 20.35
CA GLU B 208 9.22 15.80 19.61
C GLU B 208 9.30 14.98 18.34
N ILE B 209 8.18 14.36 17.98
CA ILE B 209 8.09 13.49 16.82
C ILE B 209 6.94 13.96 15.96
N GLU B 210 7.18 14.07 14.66
CA GLU B 210 6.11 14.21 13.68
C GLU B 210 6.08 12.93 12.86
N MSE B 211 4.98 12.21 12.92
CA MSE B 211 4.90 10.94 12.19
C MSE B 211 3.60 10.98 11.35
O MSE B 211 2.65 11.72 11.66
CB MSE B 211 4.96 9.74 13.17
CG MSE B 211 6.43 9.00 13.48
SE MSE B 211 5.72 7.84 14.75
CE MSE B 211 5.83 6.22 13.66
N PRO B 212 3.58 10.23 10.25
CA PRO B 212 2.35 10.16 9.45
C PRO B 212 1.25 9.40 10.20
N LEU B 213 0.01 9.67 9.78
CA LEU B 213 -1.15 8.96 10.27
C LEU B 213 -1.85 8.24 9.13
N ALA B 214 -2.59 7.20 9.50
CA ALA B 214 -3.36 6.39 8.57
C ALA B 214 -4.78 6.29 9.08
N PRO B 215 -5.72 5.89 8.21
CA PRO B 215 -7.13 5.82 8.65
C PRO B 215 -7.37 4.70 9.64
N ALA B 216 -8.20 4.98 10.65
CA ALA B 216 -8.54 3.98 11.64
C ALA B 216 -9.76 3.21 11.11
N TYR B 217 -9.54 1.95 10.78
CA TYR B 217 -10.62 1.13 10.28
C TYR B 217 -11.04 0.14 11.36
N ASP B 218 -12.21 -0.46 11.14
CA ASP B 218 -12.61 -1.63 11.89
C ASP B 218 -11.75 -2.84 11.48
N TRP B 219 -10.68 -3.11 12.22
CA TRP B 219 -9.79 -4.23 11.92
C TRP B 219 -10.34 -5.53 12.52
N ILE B 220 -10.55 -6.54 11.67
CA ILE B 220 -11.16 -7.80 12.08
C ILE B 220 -10.06 -8.84 12.24
N ASP B 221 -10.00 -9.45 13.44
CA ASP B 221 -9.07 -10.54 13.73
C ASP B 221 -9.56 -11.82 13.08
N ALA B 222 -8.68 -12.49 12.35
CA ALA B 222 -9.00 -13.81 11.81
C ALA B 222 -7.76 -14.69 11.87
N MSE B 223 -7.98 -15.97 12.13
CA MSE B 223 -6.93 -16.99 11.98
C MSE B 223 -7.26 -17.97 10.87
O MSE B 223 -8.41 -18.36 10.71
CB MSE B 223 -6.73 -17.76 13.28
CG MSE B 223 -6.08 -16.93 14.38
SE MSE B 223 -5.41 -18.04 15.86
CE MSE B 223 -7.07 -18.59 16.57
N VAL B 224 -6.25 -18.35 10.10
CA VAL B 224 -6.39 -19.34 9.03
C VAL B 224 -5.47 -20.51 9.38
N GLY B 225 -6.03 -21.72 9.37
CA GLY B 225 -5.35 -22.91 9.87
C GLY B 225 -4.88 -23.80 8.74
N PHE B 226 -3.71 -24.41 8.94
CA PHE B 226 -3.08 -25.25 7.93
C PHE B 226 -2.44 -26.47 8.59
N ASP B 227 -2.30 -27.53 7.79
CA ASP B 227 -1.70 -28.77 8.26
C ASP B 227 -0.18 -28.77 8.16
N SER B 228 0.42 -27.75 7.57
CA SER B 228 1.87 -27.68 7.47
C SER B 228 2.32 -26.23 7.47
N PHE B 229 3.59 -26.03 7.81
CA PHE B 229 4.16 -24.69 7.78
C PHE B 229 4.23 -24.14 6.36
N ASP B 230 4.70 -24.96 5.41
CA ASP B 230 4.88 -24.49 4.04
C ASP B 230 3.55 -24.00 3.44
N THR B 231 2.46 -24.74 3.68
CA THR B 231 1.20 -24.32 3.07
C THR B 231 0.67 -23.04 3.74
N ALA B 232 0.92 -22.89 5.04
CA ALA B 232 0.57 -21.65 5.73
C ALA B 232 1.37 -20.48 5.18
N ALA B 233 2.67 -20.66 4.96
CA ALA B 233 3.49 -19.58 4.44
C ALA B 233 3.11 -19.22 3.01
N ALA B 234 2.77 -20.22 2.19
CA ALA B 234 2.36 -19.93 0.81
C ALA B 234 1.06 -19.15 0.78
N TYR B 235 0.11 -19.51 1.65
CA TYR B 235 -1.14 -18.76 1.72
C TYR B 235 -0.89 -17.32 2.17
N ALA B 236 -0.09 -17.14 3.22
CA ALA B 236 0.14 -15.79 3.72
C ALA B 236 0.83 -14.93 2.67
N ASN B 237 1.80 -15.50 1.95
CA ASN B 237 2.46 -14.78 0.88
C ASN B 237 1.45 -14.35 -0.18
N ALA B 238 0.51 -15.24 -0.52
CA ALA B 238 -0.48 -14.90 -1.54
C ALA B 238 -1.44 -13.82 -1.05
N LEU B 239 -1.88 -13.93 0.20
CA LEU B 239 -2.76 -12.91 0.78
C LEU B 239 -2.07 -11.57 0.84
N ALA B 240 -0.80 -11.56 1.27
CA ALA B 240 -0.06 -10.30 1.33
C ALA B 240 0.04 -9.62 -0.02
N ARG B 241 0.01 -10.40 -1.10
CA ARG B 241 0.13 -9.85 -2.44
C ARG B 241 -1.21 -9.46 -3.06
N GLN B 242 -2.31 -9.49 -2.29
CA GLN B 242 -3.62 -9.09 -2.79
C GLN B 242 -3.75 -7.59 -2.56
N ASP B 243 -3.50 -6.80 -3.60
CA ASP B 243 -3.34 -5.36 -3.44
C ASP B 243 -4.63 -4.66 -3.04
N GLY B 244 -5.79 -5.26 -3.35
CA GLY B 244 -7.04 -4.65 -2.96
C GLY B 244 -7.60 -5.11 -1.65
N ILE B 245 -6.96 -6.08 -0.98
CA ILE B 245 -7.44 -6.62 0.29
C ILE B 245 -6.60 -5.99 1.39
N LEU B 246 -7.17 -5.00 2.08
CA LEU B 246 -6.40 -4.22 3.05
C LEU B 246 -6.28 -4.96 4.36
N THR B 247 -5.04 -5.25 4.77
CA THR B 247 -4.72 -5.92 6.01
C THR B 247 -3.77 -5.05 6.82
N LYS B 248 -3.69 -5.34 8.12
CA LYS B 248 -2.78 -4.67 9.02
C LYS B 248 -1.77 -5.62 9.64
N LEU B 249 -1.97 -6.93 9.47
CA LEU B 249 -1.07 -7.94 10.02
C LEU B 249 -1.21 -9.18 9.16
N VAL B 250 -0.08 -9.76 8.72
CA VAL B 250 -0.11 -11.09 8.14
C VAL B 250 1.05 -11.90 8.72
N SER B 251 0.77 -12.78 9.67
CA SER B 251 1.78 -13.53 10.39
C SER B 251 1.63 -15.01 10.13
N VAL B 252 2.74 -15.74 10.16
CA VAL B 252 2.73 -17.20 10.09
C VAL B 252 3.42 -17.73 11.34
N VAL B 253 2.72 -18.56 12.09
CA VAL B 253 3.26 -19.18 13.29
C VAL B 253 3.16 -20.68 13.13
N ALA B 254 4.30 -21.36 13.06
CA ALA B 254 4.32 -22.78 12.78
C ALA B 254 3.94 -23.60 14.01
N ALA B 255 3.24 -24.71 13.77
CA ALA B 255 3.03 -25.68 14.83
C ALA B 255 4.39 -26.14 15.37
N PRO B 256 4.50 -26.48 16.67
CA PRO B 256 3.44 -26.59 17.68
C PRO B 256 3.14 -25.30 18.44
N CYS B 257 3.72 -24.18 18.04
CA CYS B 257 3.59 -22.96 18.82
C CYS B 257 2.14 -22.56 19.10
N PRO B 258 1.22 -22.55 18.12
CA PRO B 258 -0.13 -22.06 18.44
C PRO B 258 -0.86 -22.93 19.44
N PHE B 259 -0.92 -24.24 19.20
CA PHE B 259 -1.64 -25.10 20.14
C PHE B 259 -0.94 -25.16 21.49
N ASP B 260 0.38 -25.04 21.52
CA ASP B 260 1.07 -25.13 22.79
C ASP B 260 0.97 -23.83 23.60
N TYR B 261 0.99 -22.67 22.93
CA TYR B 261 1.22 -21.41 23.61
C TYR B 261 0.16 -20.34 23.40
N PHE B 262 -0.78 -20.51 22.47
CA PHE B 262 -1.86 -19.54 22.32
C PHE B 262 -3.04 -20.10 23.09
N LYS B 263 -3.03 -19.85 24.40
CA LYS B 263 -3.88 -20.61 25.31
C LYS B 263 -5.34 -20.19 25.21
N ARG B 264 -5.61 -18.88 25.23
CA ARG B 264 -7.00 -18.44 25.25
C ARG B 264 -7.71 -18.68 23.92
N HIS B 265 -6.96 -18.79 22.82
CA HIS B 265 -7.51 -19.14 21.53
C HIS B 265 -7.50 -20.66 21.28
N GLN B 266 -7.18 -21.46 22.30
CA GLN B 266 -6.97 -22.88 22.06
C GLN B 266 -8.23 -23.59 21.60
N LYS B 267 -9.42 -23.10 22.00
CA LYS B 267 -10.64 -23.74 21.54
C LYS B 267 -10.82 -23.63 20.02
N PHE B 268 -10.10 -22.72 19.37
CA PHE B 268 -10.15 -22.57 17.92
C PHE B 268 -9.04 -23.33 17.20
N LEU B 269 -8.11 -23.93 17.93
CA LEU B 269 -6.91 -24.58 17.39
C LEU B 269 -6.98 -26.09 17.60
N LYS B 270 -6.17 -26.81 16.82
CA LYS B 270 -5.99 -28.24 17.04
C LYS B 270 -4.52 -28.59 16.89
N GLU B 271 -4.16 -29.69 17.53
CA GLU B 271 -2.78 -30.16 17.53
C GLU B 271 -2.27 -30.33 16.09
N GLY B 272 -1.04 -29.89 15.86
CA GLY B 272 -0.39 -30.02 14.58
C GLY B 272 -0.67 -28.90 13.61
N GLN B 273 -1.48 -27.91 14.01
CA GLN B 273 -1.92 -26.86 13.11
C GLN B 273 -0.99 -25.66 13.17
N SER B 274 -0.53 -25.22 12.01
CA SER B 274 0.09 -23.91 11.87
C SER B 274 -1.00 -22.90 11.56
N VAL B 275 -0.74 -21.62 11.89
CA VAL B 275 -1.75 -20.60 11.74
C VAL B 275 -1.19 -19.37 11.03
N VAL B 276 -2.07 -18.71 10.27
CA VAL B 276 -1.80 -17.39 9.71
C VAL B 276 -2.67 -16.40 10.49
N LEU B 277 -2.02 -15.43 11.15
CA LEU B 277 -2.75 -14.38 11.88
C LEU B 277 -3.04 -13.24 10.93
N VAL B 278 -4.30 -12.80 10.88
CA VAL B 278 -4.70 -11.76 9.94
C VAL B 278 -5.45 -10.68 10.68
N MSE B 279 -5.12 -9.41 10.39
CA MSE B 279 -6.03 -8.31 10.68
C MSE B 279 -6.50 -7.73 9.35
O MSE B 279 -5.69 -7.22 8.59
CB MSE B 279 -5.33 -7.22 11.51
CG MSE B 279 -4.84 -7.71 12.85
SE MSE B 279 -3.86 -6.29 13.79
CE MSE B 279 -5.23 -4.92 13.83
N VAL B 280 -7.79 -7.84 9.04
CA VAL B 280 -8.31 -7.38 7.76
C VAL B 280 -9.31 -6.25 8.01
N ALA B 281 -9.24 -5.20 7.19
CA ALA B 281 -10.17 -4.11 7.36
C ALA B 281 -11.58 -4.57 7.02
N ALA B 282 -12.56 -4.01 7.75
CA ALA B 282 -13.95 -4.40 7.55
C ALA B 282 -14.38 -4.30 6.08
N GLN B 283 -13.91 -3.27 5.36
CA GLN B 283 -14.32 -3.13 3.95
C GLN B 283 -13.61 -4.13 3.02
N SER B 284 -12.63 -4.87 3.50
CA SER B 284 -12.02 -5.94 2.72
C SER B 284 -12.34 -7.33 3.25
N HIS B 285 -13.19 -7.44 4.28
CA HIS B 285 -13.43 -8.73 4.93
C HIS B 285 -14.07 -9.74 4.00
N ASP B 286 -15.11 -9.33 3.27
CA ASP B 286 -15.78 -10.24 2.35
C ASP B 286 -14.83 -10.75 1.28
N ALA B 287 -14.02 -9.85 0.69
CA ALA B 287 -13.05 -10.25 -0.32
C ALA B 287 -12.03 -11.21 0.27
N PHE B 288 -11.62 -10.97 1.51
CA PHE B 288 -10.71 -11.87 2.21
C PHE B 288 -11.28 -13.27 2.31
N LYS B 289 -12.56 -13.38 2.69
CA LYS B 289 -13.21 -14.69 2.74
C LYS B 289 -13.25 -15.32 1.35
N ALA B 290 -13.61 -14.54 0.32
CA ALA B 290 -13.70 -15.09 -1.02
C ALA B 290 -12.34 -15.54 -1.53
N PHE B 291 -11.30 -14.73 -1.31
CA PHE B 291 -9.95 -15.12 -1.69
C PHE B 291 -9.51 -16.38 -0.95
N SER B 292 -9.84 -16.48 0.34
CA SER B 292 -9.40 -17.61 1.15
C SER B 292 -10.08 -18.90 0.71
N ALA B 293 -11.36 -18.83 0.34
CA ALA B 293 -12.05 -20.01 -0.19
C ALA B 293 -11.44 -20.45 -1.51
N ARG B 294 -10.91 -19.51 -2.27
CA ARG B 294 -10.29 -19.80 -3.56
C ARG B 294 -8.84 -20.23 -3.43
N SER B 295 -8.25 -20.13 -2.24
CA SER B 295 -6.81 -20.33 -2.04
C SER B 295 -6.52 -21.41 -1.01
N GLY B 296 -7.50 -22.28 -0.72
CA GLY B 296 -7.28 -23.35 0.24
C GLY B 296 -6.92 -22.85 1.62
N GLY B 297 -7.55 -21.77 2.08
CA GLY B 297 -7.30 -21.26 3.40
C GLY B 297 -8.51 -21.39 4.29
N GLU B 298 -8.47 -22.32 5.24
CA GLU B 298 -9.60 -22.55 6.14
C GLU B 298 -9.59 -21.53 7.27
N ILE B 299 -10.63 -20.69 7.33
CA ILE B 299 -10.72 -19.70 8.41
C ILE B 299 -11.17 -20.45 9.66
N ILE B 300 -10.30 -20.51 10.67
CA ILE B 300 -10.59 -21.26 11.89
C ILE B 300 -11.00 -20.35 13.05
N PHE B 301 -10.76 -19.05 12.94
CA PHE B 301 -11.22 -18.08 13.92
C PHE B 301 -11.53 -16.79 13.19
N ASP B 302 -12.70 -16.21 13.46
CA ASP B 302 -13.08 -14.94 12.87
C ASP B 302 -13.81 -14.16 13.95
N ALA B 303 -13.27 -12.99 14.31
CA ALA B 303 -13.85 -12.20 15.39
C ALA B 303 -15.32 -11.86 15.15
N THR B 304 -15.79 -11.88 13.89
CA THR B 304 -17.18 -11.55 13.62
C THR B 304 -18.13 -12.74 13.75
N THR B 305 -17.60 -13.98 13.83
CA THR B 305 -18.45 -15.16 13.97
C THR B 305 -18.15 -15.96 15.24
N ALA B 306 -17.12 -15.60 16.00
CA ALA B 306 -16.66 -16.43 17.11
C ALA B 306 -17.53 -16.33 18.35
N GLY B 307 -18.54 -15.47 18.35
CA GLY B 307 -19.40 -15.35 19.52
C GLY B 307 -18.74 -14.52 20.59
N ASP B 308 -18.72 -15.05 21.82
CA ASP B 308 -18.17 -14.30 22.94
C ASP B 308 -16.65 -14.21 22.81
N LEU B 309 -16.14 -12.98 22.72
CA LEU B 309 -14.72 -12.72 22.60
C LEU B 309 -14.07 -12.43 23.95
N LYS B 310 -14.83 -12.56 25.05
CA LYS B 310 -14.33 -12.15 26.36
C LYS B 310 -13.07 -12.91 26.71
N GLY B 311 -12.07 -12.17 27.20
CA GLY B 311 -10.81 -12.76 27.59
C GLY B 311 -9.87 -13.10 26.46
N LEU B 312 -10.31 -12.97 25.20
CA LEU B 312 -9.41 -13.23 24.09
C LEU B 312 -8.51 -12.03 23.86
N PRO B 313 -7.19 -12.20 23.85
CA PRO B 313 -6.32 -11.10 23.47
C PRO B 313 -6.48 -10.77 22.00
N PRO B 314 -6.12 -9.56 21.58
CA PRO B 314 -6.07 -9.28 20.15
C PRO B 314 -4.99 -10.13 19.50
N LEU B 315 -5.21 -10.50 18.23
CA LEU B 315 -4.24 -11.38 17.57
C LEU B 315 -2.85 -10.76 17.46
N PHE B 316 -2.75 -9.42 17.46
CA PHE B 316 -1.42 -8.84 17.36
C PHE B 316 -0.59 -9.10 18.62
N GLU B 317 -1.24 -9.41 19.76
CA GLU B 317 -0.49 -9.83 20.94
C GLU B 317 -0.18 -11.33 20.94
N LEU B 318 -0.33 -11.96 19.78
CA LEU B 318 0.21 -13.29 19.51
C LEU B 318 1.25 -13.24 18.40
N SER B 319 1.61 -12.04 17.95
CA SER B 319 2.44 -11.79 16.78
C SER B 319 3.70 -11.05 17.19
N TRP B 320 4.61 -10.91 16.21
CA TRP B 320 5.91 -10.26 16.39
C TRP B 320 6.60 -10.80 17.64
N ASN B 321 7.21 -9.98 18.49
CA ASN B 321 7.87 -10.64 19.61
C ASN B 321 6.91 -11.00 20.74
N HIS B 322 5.61 -10.74 20.59
CA HIS B 322 4.65 -11.33 21.52
C HIS B 322 4.52 -12.84 21.31
N THR B 323 4.75 -13.32 20.09
CA THR B 323 4.83 -14.77 19.90
C THR B 323 5.90 -15.36 20.82
N THR B 324 7.05 -14.71 20.85
CA THR B 324 8.11 -15.12 21.77
C THR B 324 7.65 -15.05 23.22
N LEU B 325 6.97 -13.97 23.60
CA LEU B 325 6.46 -13.84 24.96
C LEU B 325 5.57 -15.02 25.33
N ARG B 326 4.64 -15.39 24.45
CA ARG B 326 3.71 -16.46 24.79
C ARG B 326 4.45 -17.77 25.01
N ALA B 327 5.46 -18.06 24.18
CA ALA B 327 6.22 -19.30 24.32
C ALA B 327 7.05 -19.31 25.61
N LEU B 328 7.81 -18.24 25.85
CA LEU B 328 8.69 -18.27 27.01
C LEU B 328 7.93 -18.14 28.33
N ARG B 329 6.67 -17.71 28.30
CA ARG B 329 5.86 -17.72 29.52
C ARG B 329 5.48 -19.15 29.93
N VAL B 330 5.58 -20.11 29.02
CA VAL B 330 5.31 -21.51 29.32
C VAL B 330 6.60 -22.31 29.50
N ASP B 331 7.54 -22.16 28.57
CA ASP B 331 8.87 -22.79 28.70
C ASP B 331 9.94 -21.70 28.59
N PRO B 332 10.68 -21.42 29.66
CA PRO B 332 11.63 -20.29 29.62
C PRO B 332 12.89 -20.56 28.79
N ALA B 333 13.07 -21.77 28.26
CA ALA B 333 14.24 -22.06 27.44
C ALA B 333 14.11 -21.57 26.00
N TRP B 334 12.95 -21.08 25.58
CA TRP B 334 12.82 -20.53 24.24
C TRP B 334 13.49 -19.16 24.15
N THR B 335 14.20 -18.93 23.05
CA THR B 335 14.64 -17.59 22.68
C THR B 335 14.30 -17.46 21.20
N TYR B 336 14.90 -16.49 20.51
CA TYR B 336 14.48 -16.18 19.16
C TYR B 336 15.67 -15.72 18.32
N LEU B 337 15.43 -15.66 17.01
CA LEU B 337 16.30 -15.02 16.04
C LEU B 337 15.53 -13.91 15.35
N GLN B 338 16.28 -13.05 14.66
CA GLN B 338 15.72 -12.05 13.77
C GLN B 338 16.33 -12.26 12.40
N VAL B 339 15.49 -12.44 11.38
CA VAL B 339 15.91 -12.96 10.09
C VAL B 339 15.25 -12.16 8.97
N LEU B 340 15.95 -12.03 7.86
CA LEU B 340 15.33 -11.58 6.62
C LEU B 340 15.41 -12.73 5.62
N TYR B 341 14.32 -12.96 4.88
CA TYR B 341 14.31 -13.94 3.80
C TYR B 341 14.13 -13.19 2.49
N PRO B 342 15.23 -12.90 1.79
CA PRO B 342 15.18 -11.89 0.72
C PRO B 342 14.33 -12.32 -0.46
N PHE B 343 13.53 -11.37 -0.94
CA PHE B 343 12.71 -11.55 -2.13
C PHE B 343 13.60 -11.91 -3.31
N PRO B 344 13.15 -12.78 -4.23
CA PRO B 344 11.84 -13.43 -4.31
C PRO B 344 11.84 -14.87 -3.81
N ASN B 345 12.86 -15.26 -3.05
CA ASN B 345 13.06 -16.65 -2.67
C ASN B 345 12.55 -16.98 -1.27
N GLN B 346 11.65 -16.15 -0.73
CA GLN B 346 11.32 -16.26 0.69
C GLN B 346 10.63 -17.58 1.03
N LEU B 347 9.81 -18.12 0.12
CA LEU B 347 9.13 -19.37 0.43
C LEU B 347 10.12 -20.54 0.49
N GLU B 348 11.02 -20.61 -0.49
CA GLU B 348 12.04 -21.65 -0.49
C GLU B 348 12.98 -21.51 0.70
N LEU B 349 13.39 -20.29 1.03
CA LEU B 349 14.34 -20.09 2.11
C LEU B 349 13.71 -20.41 3.46
N THR B 350 12.50 -19.94 3.72
CA THR B 350 11.86 -20.23 5.01
C THR B 350 11.65 -21.73 5.19
N ALA B 351 11.26 -22.42 4.12
CA ALA B 351 11.08 -23.87 4.18
C ALA B 351 12.40 -24.59 4.42
N LYS B 352 13.47 -24.12 3.75
CA LYS B 352 14.77 -24.76 3.91
C LYS B 352 15.29 -24.63 5.34
N MSE B 353 15.10 -23.47 5.96
CA MSE B 353 15.52 -23.27 7.33
C MSE B 353 14.65 -24.08 8.28
O MSE B 353 15.14 -24.65 9.25
CB MSE B 353 15.48 -21.79 7.71
CG MSE B 353 16.50 -20.94 6.97
SE MSE B 353 18.34 -21.47 7.33
CE MSE B 353 18.62 -22.71 5.84
N ASP B 354 13.36 -24.13 7.98
CA ASP B 354 12.44 -24.91 8.80
C ASP B 354 12.83 -26.39 8.80
N ARG B 355 13.20 -26.93 7.65
CA ARG B 355 13.60 -28.35 7.58
C ARG B 355 14.97 -28.59 8.22
N MSE B 356 15.84 -27.58 8.22
CA MSE B 356 17.21 -27.77 8.69
C MSE B 356 17.28 -27.91 10.22
O MSE B 356 18.19 -28.55 10.74
CB MSE B 356 18.08 -26.59 8.22
CG MSE B 356 19.54 -26.66 8.68
SE MSE B 356 20.63 -25.30 7.80
CE MSE B 356 20.64 -26.05 6.01
N PHE B 357 16.31 -27.33 10.94
CA PHE B 357 16.32 -27.32 12.41
C PHE B 357 15.01 -27.88 12.97
N PRO B 358 14.76 -29.18 12.81
CA PRO B 358 13.55 -29.76 13.39
C PRO B 358 13.63 -29.81 14.91
N GLY B 359 12.49 -29.60 15.56
CA GLY B 359 12.39 -29.63 17.01
C GLY B 359 13.03 -28.42 17.69
N GLU B 360 14.27 -28.13 17.30
CA GLU B 360 15.06 -27.06 17.91
C GLU B 360 14.53 -25.68 17.54
N LEU B 361 13.91 -25.53 16.37
CA LEU B 361 13.43 -24.25 15.90
C LEU B 361 11.95 -24.36 15.54
N ILE B 362 11.19 -23.29 15.83
CA ILE B 362 9.81 -23.16 15.41
C ILE B 362 9.70 -21.91 14.55
N SER B 363 9.30 -22.09 13.29
CA SER B 363 9.30 -20.98 12.35
C SER B 363 8.21 -19.98 12.70
N HIS B 364 8.52 -18.70 12.49
CA HIS B 364 7.56 -17.63 12.72
C HIS B 364 7.89 -16.52 11.74
N LEU B 365 6.96 -16.23 10.83
CA LEU B 365 7.14 -15.23 9.80
C LEU B 365 6.22 -14.05 10.05
N GLU B 366 6.68 -12.87 9.64
CA GLU B 366 5.81 -11.69 9.55
C GLU B 366 5.99 -11.12 8.16
N PHE B 367 4.90 -11.07 7.38
CA PHE B 367 4.99 -10.52 6.04
C PHE B 367 4.93 -9.00 6.09
N VAL B 368 5.78 -8.38 5.27
CA VAL B 368 6.01 -6.93 5.31
C VAL B 368 6.31 -6.47 3.90
N ARG B 369 6.17 -5.16 3.67
CA ARG B 369 6.78 -4.57 2.49
C ARG B 369 8.23 -4.25 2.80
N PHE B 370 9.11 -4.53 1.85
CA PHE B 370 10.55 -4.37 2.05
C PHE B 370 11.18 -3.94 0.73
N ASP B 371 11.65 -2.69 0.66
CA ASP B 371 12.22 -2.13 -0.57
C ASP B 371 11.28 -2.28 -1.76
N GLY B 372 9.97 -2.18 -1.52
CA GLY B 372 9.02 -2.21 -2.61
C GLY B 372 8.48 -3.57 -2.97
N ASP B 373 9.09 -4.65 -2.46
CA ASP B 373 8.59 -6.02 -2.62
C ASP B 373 7.84 -6.45 -1.37
N ILE B 374 7.04 -7.51 -1.52
CA ILE B 374 6.42 -8.17 -0.39
C ILE B 374 7.23 -9.42 -0.06
N THR B 375 7.78 -9.47 1.16
CA THR B 375 8.49 -10.66 1.60
C THR B 375 8.22 -10.81 3.09
N CYS B 376 9.01 -11.62 3.77
CA CYS B 376 8.77 -11.83 5.18
C CYS B 376 10.05 -11.68 6.01
N PHE B 377 9.83 -11.15 7.19
CA PHE B 377 10.76 -11.09 8.30
C PHE B 377 10.52 -12.31 9.18
N GLY B 378 11.58 -12.82 9.79
CA GLY B 378 11.49 -14.01 10.63
C GLY B 378 11.79 -13.68 12.08
N LEU B 379 10.99 -14.26 12.98
CA LEU B 379 11.28 -14.30 14.42
C LEU B 379 11.19 -15.73 14.93
N PRO B 380 11.94 -16.67 14.34
CA PRO B 380 11.77 -18.07 14.72
C PRO B 380 12.19 -18.30 16.16
N LEU B 381 11.42 -19.12 16.86
CA LEU B 381 11.80 -19.57 18.21
C LEU B 381 12.90 -20.61 18.12
N VAL B 382 13.89 -20.48 19.01
CA VAL B 382 15.00 -21.41 19.08
C VAL B 382 15.12 -21.91 20.51
N LYS B 383 15.19 -23.23 20.67
CA LYS B 383 15.29 -23.85 21.98
C LYS B 383 16.74 -23.74 22.47
N PHE B 384 16.97 -22.91 23.48
CA PHE B 384 18.33 -22.65 23.92
C PHE B 384 18.96 -23.90 24.49
N THR B 385 20.16 -24.22 23.99
CA THR B 385 21.00 -25.24 24.62
C THR B 385 22.31 -24.61 25.08
N THR B 386 23.20 -24.23 24.17
CA THR B 386 24.46 -23.60 24.50
C THR B 386 24.62 -22.32 23.68
N ASP B 387 25.45 -21.41 24.20
CA ASP B 387 25.81 -20.24 23.39
C ASP B 387 26.43 -20.67 22.06
N GLU B 388 27.25 -21.74 22.07
CA GLU B 388 27.93 -22.15 20.86
C GLU B 388 26.94 -22.57 19.78
N ARG B 389 25.93 -23.36 20.15
CA ARG B 389 24.95 -23.83 19.17
C ARG B 389 24.08 -22.68 18.66
N LEU B 390 23.75 -21.72 19.53
CA LEU B 390 22.95 -20.59 19.08
C LEU B 390 23.71 -19.77 18.04
N GLU B 391 25.02 -19.60 18.23
CA GLU B 391 25.83 -18.95 17.22
C GLU B 391 25.85 -19.76 15.92
N GLU B 392 25.95 -21.08 16.03
CA GLU B 392 26.00 -21.91 14.83
C GLU B 392 24.72 -21.78 14.02
N ILE B 393 23.55 -21.86 14.68
CA ILE B 393 22.27 -21.72 13.99
C ILE B 393 22.22 -20.41 13.22
N MSE B 394 22.73 -19.33 13.80
CA MSE B 394 22.70 -18.02 13.16
C MSE B 394 23.67 -17.99 11.98
O MSE B 394 23.35 -17.44 10.93
CB MSE B 394 23.01 -16.92 14.16
CG MSE B 394 21.83 -16.62 15.09
SE MSE B 394 22.04 -15.04 16.21
CE MSE B 394 23.52 -15.68 17.30
N ASP B 395 24.85 -18.56 12.19
CA ASP B 395 25.81 -18.71 11.08
C ASP B 395 25.17 -19.45 9.92
N LEU B 396 24.40 -20.50 10.20
CA LEU B 396 23.84 -21.32 9.13
C LEU B 396 22.77 -20.56 8.37
N HIS B 397 21.97 -19.74 9.06
CA HIS B 397 21.05 -18.85 8.37
C HIS B 397 21.83 -17.91 7.44
N ASN B 398 22.84 -17.23 7.97
CA ASN B 398 23.63 -16.31 7.15
C ASN B 398 24.25 -17.01 5.95
N ALA B 399 24.79 -18.21 6.15
CA ALA B 399 25.44 -18.95 5.07
C ALA B 399 24.45 -19.52 4.07
N ASN B 400 23.16 -19.56 4.40
CA ASN B 400 22.18 -20.07 3.48
C ASN B 400 21.26 -18.98 2.95
N GLY B 401 21.74 -17.74 2.94
CA GLY B 401 21.02 -16.70 2.26
C GLY B 401 19.92 -16.03 3.05
N CYS B 402 19.94 -16.15 4.38
CA CYS B 402 18.91 -15.60 5.26
C CYS B 402 19.58 -14.66 6.27
N PRO B 403 19.73 -13.38 5.96
CA PRO B 403 20.49 -12.48 6.85
C PRO B 403 19.92 -12.44 8.25
N ILE B 404 20.83 -12.48 9.23
CA ILE B 404 20.51 -12.48 10.66
C ILE B 404 20.76 -11.08 11.21
N PHE B 405 19.81 -10.56 11.97
CA PHE B 405 20.03 -9.34 12.76
C PHE B 405 20.10 -9.82 14.21
N ASN B 406 21.32 -10.08 14.68
CA ASN B 406 21.61 -10.82 15.91
C ASN B 406 20.98 -10.14 17.13
N PRO B 407 19.93 -10.72 17.72
CA PRO B 407 19.33 -10.12 18.92
C PRO B 407 20.07 -10.48 20.20
N HIS B 408 21.16 -11.24 20.13
CA HIS B 408 21.90 -11.67 21.31
C HIS B 408 23.16 -10.84 21.48
N ARG B 409 23.03 -9.57 21.12
CA ARG B 409 24.06 -8.56 21.18
C ARG B 409 23.44 -7.29 21.72
N TYR B 410 24.23 -6.44 22.37
CA TYR B 410 23.71 -5.19 22.90
C TYR B 410 24.30 -3.96 22.24
N THR B 411 25.18 -4.12 21.26
CA THR B 411 25.71 -2.95 20.56
C THR B 411 24.95 -2.73 19.26
N LEU B 412 25.02 -1.50 18.77
CA LEU B 412 24.38 -1.16 17.51
C LEU B 412 24.92 -2.00 16.35
N GLU B 413 26.24 -2.06 16.22
CA GLU B 413 26.81 -2.72 15.05
C GLU B 413 26.60 -4.23 15.11
N GLU B 414 26.81 -4.85 16.28
CA GLU B 414 26.66 -6.30 16.33
C GLU B 414 25.21 -6.73 16.18
N GLY B 415 24.26 -5.86 16.49
CA GLY B 415 22.86 -6.21 16.32
C GLY B 415 22.40 -6.28 14.89
N GLY B 416 23.23 -5.84 13.94
CA GLY B 416 22.93 -6.00 12.52
C GLY B 416 21.92 -5.05 11.92
N MSE B 417 21.34 -4.14 12.70
CA MSE B 417 20.37 -3.22 12.15
C MSE B 417 20.94 -1.83 11.80
O MSE B 417 20.87 -1.41 10.64
CB MSE B 417 19.18 -3.05 13.12
CG MSE B 417 18.39 -4.33 13.30
SE MSE B 417 16.74 -4.11 14.31
CE MSE B 417 15.88 -5.82 13.81
N LYS B 418 21.53 -1.13 12.77
CA LYS B 418 21.99 0.25 12.55
C LYS B 418 23.45 0.26 12.11
N GLN B 419 23.66 0.44 10.81
CA GLN B 419 25.01 0.48 10.26
C GLN B 419 25.72 1.75 10.72
N THR B 420 27.00 1.60 11.09
CA THR B 420 27.86 2.74 11.35
C THR B 420 28.57 3.10 10.06
N ASP B 421 28.61 4.39 9.73
CA ASP B 421 29.50 4.91 8.72
C ASP B 421 30.02 6.26 9.19
N GLU B 422 30.82 6.91 8.33
CA GLU B 422 31.43 8.18 8.72
C GLU B 422 30.40 9.22 9.10
N ILE B 423 29.23 9.21 8.47
CA ILE B 423 28.21 10.20 8.80
C ILE B 423 27.66 9.94 10.19
N GLN B 424 27.41 8.67 10.54
CA GLN B 424 26.99 8.35 11.91
C GLN B 424 28.04 8.76 12.94
N LEU B 425 29.31 8.52 12.64
CA LEU B 425 30.35 8.89 13.60
C LEU B 425 30.46 10.41 13.74
N ALA B 426 30.43 11.13 12.60
CA ALA B 426 30.49 12.58 12.64
C ALA B 426 29.32 13.15 13.43
N PHE B 427 28.13 12.59 13.24
CA PHE B 427 26.96 13.13 13.93
C PHE B 427 27.02 12.85 15.44
N LYS B 428 27.53 11.69 15.86
CA LYS B 428 27.65 11.46 17.30
C LYS B 428 28.59 12.47 17.95
N ARG B 429 29.70 12.79 17.27
CA ARG B 429 30.60 13.80 17.79
C ARG B 429 29.91 15.15 17.86
N GLU B 430 29.03 15.44 16.89
CA GLU B 430 28.31 16.71 16.88
C GLU B 430 27.28 16.77 18.01
N ALA B 431 26.57 15.68 18.26
CA ALA B 431 25.51 15.65 19.27
C ALA B 431 25.99 15.24 20.66
N ASP B 432 27.14 14.58 20.76
CA ASP B 432 27.62 14.04 22.03
C ASP B 432 29.14 14.04 22.04
N PRO B 433 29.80 15.21 21.98
CA PRO B 433 31.27 15.20 21.85
C PRO B 433 31.98 14.50 22.99
N LYS B 434 31.43 14.50 24.20
CA LYS B 434 32.03 13.82 25.34
C LYS B 434 31.65 12.35 25.44
N GLY B 435 30.76 11.85 24.59
CA GLY B 435 30.40 10.45 24.64
C GLY B 435 29.67 10.04 25.91
N LEU B 436 28.77 10.90 26.40
CA LEU B 436 28.02 10.61 27.60
C LEU B 436 26.65 10.01 27.33
N LEU B 437 26.19 9.98 26.07
CA LEU B 437 24.88 9.45 25.71
C LEU B 437 24.99 7.95 25.44
N ASN B 438 24.43 7.15 26.35
CA ASN B 438 24.37 5.70 26.23
C ASN B 438 25.73 5.10 25.83
N PRO B 439 26.76 5.28 26.65
CA PRO B 439 28.10 4.84 26.25
C PRO B 439 28.15 3.32 26.14
N GLY B 440 29.08 2.85 25.31
CA GLY B 440 29.25 1.43 25.08
C GLY B 440 28.32 0.81 24.06
N LYS B 441 27.30 1.55 23.60
CA LYS B 441 26.37 0.97 22.63
C LYS B 441 26.87 1.06 21.20
N MSE B 442 27.81 1.95 20.92
CA MSE B 442 28.35 2.10 19.57
C MSE B 442 29.82 1.70 19.58
O MSE B 442 30.64 2.43 20.13
CB MSE B 442 28.18 3.53 19.07
CG MSE B 442 28.50 3.76 17.60
SE MSE B 442 28.62 5.67 17.21
CE MSE B 442 28.51 5.54 15.25
N ILE B 443 30.13 0.53 19.02
CA ILE B 443 31.51 0.03 19.08
C ILE B 443 32.45 1.01 18.40
N ALA B 444 32.04 1.55 17.25
CA ALA B 444 32.95 2.37 16.45
C ALA B 444 33.38 3.65 17.16
N TRP B 445 32.59 4.11 18.14
CA TRP B 445 32.97 5.29 18.92
C TRP B 445 34.08 4.97 19.93
N ASP B 446 34.03 3.78 20.54
CA ASP B 446 35.05 3.39 21.51
C ASP B 446 36.32 2.86 20.85
N ASP B 447 36.22 2.41 19.61
CA ASP B 447 37.32 1.70 18.96
C ASP B 447 37.58 2.30 17.59
N PRO B 448 38.52 3.25 17.48
CA PRO B 448 38.84 3.82 16.16
C PRO B 448 39.49 2.82 15.20
N ASP B 449 39.94 1.66 15.70
CA ASP B 449 40.44 0.60 14.83
C ASP B 449 39.35 -0.35 14.37
N TYR B 450 38.15 -0.24 14.92
CA TYR B 450 37.07 -1.12 14.52
C TYR B 450 36.69 -0.87 13.06
N ASP B 451 36.55 -1.95 12.30
CA ASP B 451 36.21 -1.88 10.88
C ASP B 451 34.69 -1.85 10.75
N PHE B 452 34.13 -0.64 10.65
CA PHE B 452 32.68 -0.48 10.48
C PHE B 452 32.23 -0.61 9.04
N ASN B 453 33.14 -0.86 8.09
CA ASN B 453 32.76 -1.09 6.71
C ASN B 453 32.57 -2.57 6.39
N SER B 454 32.43 -3.41 7.41
CA SER B 454 32.08 -4.81 7.24
C SER B 454 30.59 -4.98 7.55
N GLY B 455 30.17 -6.22 7.77
CA GLY B 455 28.75 -6.49 7.88
C GLY B 455 28.08 -6.38 6.52
N LYS B 456 27.39 -7.43 6.10
CA LYS B 456 26.87 -7.46 4.74
C LYS B 456 25.53 -6.72 4.64
N VAL B 457 24.50 -7.25 5.29
CA VAL B 457 23.13 -6.75 5.15
C VAL B 457 22.77 -5.96 6.40
N TRP B 458 22.47 -4.68 6.22
CA TRP B 458 22.06 -3.80 7.31
C TRP B 458 20.62 -3.40 7.12
N LEU B 459 19.82 -3.53 8.19
CA LEU B 459 18.41 -3.16 8.08
C LEU B 459 18.26 -1.66 7.92
N PHE B 460 19.03 -0.89 8.70
CA PHE B 460 19.10 0.57 8.61
C PHE B 460 20.46 0.89 8.00
N LYS B 461 20.52 0.94 6.68
CA LYS B 461 21.75 1.30 5.99
C LYS B 461 22.10 2.76 6.27
N GLY B 462 23.40 3.05 6.22
CA GLY B 462 23.85 4.41 6.43
C GLY B 462 23.50 5.33 5.28
N LEU B 463 23.60 6.63 5.56
CA LEU B 463 23.30 7.68 4.58
C LEU B 463 24.40 7.89 3.55
N LYS B 464 25.64 7.51 3.86
CA LYS B 464 26.74 7.79 2.94
C LYS B 464 26.54 7.00 1.65
N GLN B 465 26.57 7.70 0.52
CA GLN B 465 26.39 7.09 -0.78
C GLN B 465 27.72 6.99 -1.51
N ALA B 466 27.72 6.23 -2.60
CA ALA B 466 28.95 6.05 -3.38
C ALA B 466 28.91 6.88 -4.67
N1 LUZ C . -10.13 3.14 -21.68
C2 LUZ C . -11.17 2.33 -21.55
C10 LUZ C . -9.00 2.94 -20.93
O2 LUZ C . -12.31 2.55 -22.30
N3 LUZ C . -11.17 1.29 -20.71
C4 LUZ C . -10.10 1.04 -19.98
O4 LUZ C . -10.07 -0.04 -19.12
C4A LUZ C . -8.95 1.89 -20.07
N5 LUZ C . -7.84 1.64 -19.31
C5A LUZ C . -6.79 2.45 -19.43
C9A LUZ C . -6.84 3.54 -20.29
N10 LUZ C . -7.92 3.78 -21.04
PA FAD D . -19.48 4.48 -20.67
O1A FAD D . -20.77 5.20 -20.77
O2A FAD D . -18.43 4.78 -21.72
O5B FAD D . -19.69 2.94 -20.67
C5B FAD D . -18.60 2.02 -20.46
C4B FAD D . -19.12 0.61 -20.52
O4B FAD D . -19.83 0.29 -19.30
C3B FAD D . -20.09 0.30 -21.66
O3B FAD D . -19.92 -1.04 -22.09
C2B FAD D . -21.46 0.47 -20.99
O2B FAD D . -22.44 -0.36 -21.62
C1B FAD D . -21.16 -0.09 -19.60
N9A FAD D . -22.02 0.43 -18.54
C8A FAD D . -22.15 1.73 -18.14
N7A FAD D . -22.93 1.88 -17.10
C5A FAD D . -23.33 0.59 -16.78
C6A FAD D . -24.16 0.07 -15.78
N6A FAD D . -24.79 0.81 -14.86
N1A FAD D . -24.35 -1.27 -15.75
C2A FAD D . -23.74 -2.03 -16.67
N3A FAD D . -22.92 -1.65 -17.65
C4A FAD D . -22.76 -0.33 -17.65
N1 FAD D . -10.47 4.42 -18.26
C2 FAD D . -9.78 3.89 -17.21
O2 FAD D . -10.09 2.80 -16.72
N3 FAD D . -8.70 4.59 -16.69
C4 FAD D . -8.24 5.82 -17.15
O4 FAD D . -7.28 6.37 -16.61
C4X FAD D . -8.98 6.36 -18.27
N5 FAD D . -8.58 7.52 -18.78
C5X FAD D . -9.32 8.04 -19.82
C6 FAD D . -8.91 9.26 -20.36
C7 FAD D . -9.59 9.83 -21.41
C7M FAD D . -9.13 11.15 -21.96
C8 FAD D . -10.71 9.17 -21.97
C8M FAD D . -11.47 9.77 -23.12
C9 FAD D . -11.11 7.94 -21.44
C9A FAD D . -10.42 7.37 -20.37
N10 FAD D . -10.79 6.13 -19.81
C10 FAD D . -10.09 5.60 -18.75
C1' FAD D . -12.00 5.40 -20.27
C2' FAD D . -13.29 5.88 -19.58
O2' FAD D . -13.27 7.30 -19.40
C3' FAD D . -13.44 5.28 -18.18
O3' FAD D . -13.24 3.87 -18.13
C4' FAD D . -14.80 5.62 -17.53
O4' FAD D . -14.78 5.36 -16.12
C5' FAD D . -15.97 4.90 -18.17
O5' FAD D . -17.20 5.37 -17.57
P FAD D . -18.37 5.95 -18.46
O1P FAD D . -19.44 6.36 -17.43
O2P FAD D . -17.87 6.93 -19.44
O3P FAD D . -18.87 4.64 -19.21
N1 LUZ E . 12.79 -5.63 19.54
C2 LUZ E . 13.53 -4.54 19.68
C10 LUZ E . 12.30 -5.99 18.32
O2 LUZ E . 14.01 -4.21 20.94
N3 LUZ E . 13.85 -3.76 18.67
C4 LUZ E . 13.42 -4.07 17.44
O4 LUZ E . 13.76 -3.27 16.36
C4A LUZ E . 12.59 -5.22 17.24
N5 LUZ E . 12.12 -5.55 15.99
C5A LUZ E . 11.36 -6.63 15.87
C9A LUZ E . 11.05 -7.43 16.98
N10 LUZ E . 11.50 -7.10 18.19
PA FAD F . 13.01 1.74 25.61
O1A FAD F . 12.82 2.52 26.88
O2A FAD F . 13.18 0.25 25.71
O5B FAD F . 14.27 2.30 24.83
C5B FAD F . 14.57 1.88 23.49
C4B FAD F . 15.80 2.62 23.00
O4B FAD F . 15.46 3.98 22.65
C3B FAD F . 16.94 2.73 24.00
O3B FAD F . 18.18 2.77 23.31
C2B FAD F . 16.69 4.10 24.65
O2B FAD F . 17.93 4.61 25.12
C1B FAD F . 16.20 4.89 23.44
N9A FAD F . 15.33 6.02 23.71
C8A FAD F . 14.10 5.97 24.31
N7A FAD F . 13.48 7.12 24.36
C5A FAD F . 14.35 7.99 23.70
C6A FAD F . 14.27 9.36 23.41
N6A FAD F . 13.23 10.13 23.73
N1A FAD F . 15.30 9.91 22.73
C2A FAD F . 16.34 9.13 22.39
N3A FAD F . 16.52 7.84 22.63
C4A FAD F . 15.48 7.32 23.29
N1 FAD F . 9.84 -3.74 18.68
C2 FAD F . 9.48 -3.52 17.38
O2 FAD F . 10.08 -2.68 16.68
N3 FAD F . 8.43 -4.27 16.86
C4 FAD F . 7.68 -5.23 17.53
O4 FAD F . 6.75 -5.80 16.98
C4X FAD F . 8.08 -5.44 18.90
N5 FAD F . 7.42 -6.36 19.61
C5X FAD F . 7.83 -6.55 20.94
C6 FAD F . 7.14 -7.50 21.70
C7 FAD F . 7.50 -7.73 23.03
C7M FAD F . 6.75 -8.76 23.84
C8 FAD F . 8.56 -7.00 23.60
C8M FAD F . 8.95 -7.21 25.05
C9 FAD F . 9.23 -6.05 22.84
C9A FAD F . 8.88 -5.82 21.51
N10 FAD F . 9.54 -4.86 20.70
C10 FAD F . 9.17 -4.65 19.40
C1' FAD F . 10.60 -4.00 21.25
C2' FAD F . 10.03 -2.76 21.98
O2' FAD F . 8.79 -3.05 22.63
C3' FAD F . 9.71 -1.64 20.99
O3' FAD F . 10.75 -1.44 20.04
C4' FAD F . 9.34 -0.34 21.71
O4' FAD F . 8.65 0.57 20.85
C5' FAD F . 10.51 0.40 22.35
O5' FAD F . 9.99 1.54 23.07
P FAD F . 10.30 1.76 24.61
O1P FAD F . 9.58 3.03 25.06
O2P FAD F . 10.04 0.49 25.41
O3P FAD F . 11.85 2.08 24.57
#